data_6FGP
#
_entry.id   6FGP
#
loop_
_entity.id
_entity.type
_entity.pdbx_description
1 polymer 'C-C chemokine receptor type 5'
2 polymer 'C-C motif chemokine 5'
#
loop_
_entity_poly.entity_id
_entity_poly.type
_entity_poly.pdbx_seq_one_letter_code
_entity_poly.pdbx_strand_id
1 'polypeptide(L)' MDYQVSSPI(TYS)DIN(TYS)YTSEPAQKINVKQ A
2 'polypeptide(L)' GSPYSSDTTSCCFAYIARPLPRAHIKEYFYTSGKCSNPAVVFVTRKNRQVCANPEKKWVREYINSLSMS B
#
# COMPACT_ATOMS: atom_id res chain seq x y z
N MET A 1 -18.12 -30.01 2.33
CA MET A 1 -18.58 -28.73 2.86
C MET A 1 -18.30 -27.63 1.85
N ASP A 2 -18.73 -26.41 2.17
CA ASP A 2 -18.53 -25.26 1.28
C ASP A 2 -17.15 -24.66 1.51
N TYR A 3 -16.39 -24.50 0.44
CA TYR A 3 -15.06 -23.92 0.54
C TYR A 3 -15.02 -22.60 -0.22
N GLN A 4 -14.45 -21.58 0.42
CA GLN A 4 -14.35 -20.27 -0.19
C GLN A 4 -12.94 -19.71 0.00
N VAL A 5 -11.96 -20.59 -0.02
CA VAL A 5 -10.58 -20.18 0.16
C VAL A 5 -9.79 -20.37 -1.14
N SER A 6 -9.04 -19.35 -1.53
CA SER A 6 -8.22 -19.39 -2.74
C SER A 6 -6.76 -19.13 -2.39
N SER A 7 -6.41 -19.40 -1.13
CA SER A 7 -5.07 -19.22 -0.61
C SER A 7 -4.67 -17.74 -0.58
N PRO A 8 -4.88 -17.08 0.56
CA PRO A 8 -4.53 -15.67 0.73
C PRO A 8 -3.03 -15.49 0.92
N ILE A 9 -2.39 -14.81 -0.03
CA ILE A 9 -0.94 -14.58 0.04
C ILE A 9 -0.60 -13.14 -0.28
N ASP A 11 -0.79 -10.95 -2.38
CA ASP A 11 -0.90 -10.62 -3.81
C ASP A 11 -2.35 -10.64 -4.29
N ILE A 12 -3.17 -11.50 -3.71
CA ILE A 12 -4.56 -11.60 -4.12
C ILE A 12 -5.43 -10.60 -3.32
N ASN A 13 -6.36 -11.08 -2.47
CA ASN A 13 -7.28 -10.24 -1.69
C ASN A 13 -6.70 -8.88 -1.30
N TYR A 15 -4.14 -7.06 -2.17
CA TYR A 15 -3.77 -6.10 -3.21
C TYR A 15 -4.67 -6.17 -4.45
N THR A 16 -5.95 -6.53 -4.26
CA THR A 16 -6.88 -6.59 -5.38
C THR A 16 -8.12 -5.77 -5.08
N SER A 17 -7.99 -4.85 -4.14
CA SER A 17 -9.11 -3.99 -3.75
C SER A 17 -9.21 -2.81 -4.72
N GLU A 18 -10.13 -2.91 -5.66
CA GLU A 18 -10.33 -1.85 -6.65
C GLU A 18 -11.81 -1.53 -6.87
N PRO A 19 -12.67 -2.51 -7.27
CA PRO A 19 -14.10 -2.24 -7.50
C PRO A 19 -14.84 -1.79 -6.25
N ALA A 20 -14.17 -1.93 -5.10
CA ALA A 20 -14.74 -1.53 -3.83
C ALA A 20 -14.31 -0.12 -3.44
N GLN A 21 -13.69 0.57 -4.37
CA GLN A 21 -13.23 1.93 -4.14
C GLN A 21 -14.12 2.92 -4.88
N LYS A 22 -14.39 4.06 -4.25
CA LYS A 22 -15.23 5.09 -4.84
C LYS A 22 -14.42 5.92 -5.82
N ILE A 23 -14.39 5.48 -7.08
CA ILE A 23 -13.65 6.19 -8.11
C ILE A 23 -14.54 7.21 -8.83
N ASN A 24 -14.65 8.38 -8.23
CA ASN A 24 -15.45 9.48 -8.80
C ASN A 24 -16.91 9.09 -8.98
N VAL A 25 -17.55 8.66 -7.90
CA VAL A 25 -18.95 8.27 -7.94
C VAL A 25 -19.75 9.14 -6.98
N LYS A 26 -20.85 9.69 -7.46
CA LYS A 26 -21.70 10.54 -6.64
C LYS A 26 -22.81 9.73 -6.00
N GLN A 27 -22.72 9.53 -4.70
CA GLN A 27 -23.72 8.77 -3.96
C GLN A 27 -24.41 9.65 -2.94
N SER B 2 12.62 -5.43 -4.14
CA SER B 2 13.04 -4.40 -5.08
C SER B 2 14.41 -3.84 -4.70
N PRO B 3 15.46 -4.24 -5.42
CA PRO B 3 16.82 -3.76 -5.16
C PRO B 3 17.00 -2.30 -5.57
N TYR B 4 16.21 -1.87 -6.54
CA TYR B 4 16.27 -0.51 -7.04
C TYR B 4 14.86 0.06 -7.15
N SER B 5 14.76 1.37 -7.32
CA SER B 5 13.48 2.04 -7.44
C SER B 5 12.92 1.89 -8.86
N SER B 6 13.68 1.21 -9.72
CA SER B 6 13.30 0.99 -11.11
C SER B 6 12.03 0.15 -11.19
N ASP B 7 11.95 -0.86 -10.33
CA ASP B 7 10.78 -1.75 -10.27
C ASP B 7 9.51 -0.94 -10.05
N THR B 8 9.58 -0.01 -9.11
CA THR B 8 8.45 0.83 -8.76
C THR B 8 8.34 2.04 -9.68
N THR B 9 7.55 1.91 -10.73
CA THR B 9 7.35 2.98 -11.69
C THR B 9 5.92 3.52 -11.62
N SER B 10 4.97 2.61 -11.50
CA SER B 10 3.56 2.98 -11.43
C SER B 10 3.20 3.47 -10.04
N CYS B 11 2.31 4.43 -9.97
CA CYS B 11 1.88 4.98 -8.69
C CYS B 11 0.61 4.29 -8.21
N CYS B 12 0.51 4.05 -6.91
CA CYS B 12 -0.65 3.41 -6.34
C CYS B 12 -1.88 4.32 -6.42
N PHE B 13 -2.92 3.83 -7.07
CA PHE B 13 -4.16 4.59 -7.21
C PHE B 13 -5.25 3.94 -6.37
N ALA B 14 -4.89 2.91 -5.63
CA ALA B 14 -5.85 2.20 -4.80
C ALA B 14 -5.26 1.89 -3.43
N TYR B 15 -6.12 1.46 -2.53
CA TYR B 15 -5.72 1.13 -1.17
C TYR B 15 -5.76 -0.37 -0.96
N ILE B 16 -5.07 -0.83 0.07
CA ILE B 16 -5.06 -2.24 0.40
C ILE B 16 -6.40 -2.65 0.98
N ALA B 17 -6.77 -3.91 0.76
CA ALA B 17 -8.02 -4.47 1.26
C ALA B 17 -8.31 -4.00 2.69
N ARG B 18 -7.38 -4.30 3.59
CA ARG B 18 -7.50 -3.90 4.98
C ARG B 18 -6.14 -3.38 5.46
N PRO B 19 -6.11 -2.54 6.52
CA PRO B 19 -4.84 -2.01 7.06
C PRO B 19 -3.80 -3.09 7.33
N LEU B 20 -2.56 -2.81 6.98
CA LEU B 20 -1.45 -3.73 7.17
C LEU B 20 -0.83 -3.56 8.56
N PRO B 21 -0.13 -4.58 9.07
CA PRO B 21 0.52 -4.48 10.38
C PRO B 21 1.74 -3.56 10.31
N ARG B 22 1.66 -2.46 11.06
CA ARG B 22 2.75 -1.48 11.08
C ARG B 22 4.01 -2.06 11.72
N ALA B 23 3.84 -3.08 12.54
CA ALA B 23 4.96 -3.70 13.22
C ALA B 23 5.83 -4.52 12.28
N HIS B 24 5.27 -4.96 11.17
CA HIS B 24 6.03 -5.75 10.20
C HIS B 24 6.58 -4.87 9.10
N ILE B 25 6.46 -3.56 9.30
CA ILE B 25 6.96 -2.60 8.34
C ILE B 25 8.36 -2.15 8.74
N LYS B 26 9.29 -2.23 7.80
CA LYS B 26 10.68 -1.86 8.06
C LYS B 26 10.96 -0.41 7.67
N GLU B 27 10.51 -0.01 6.49
CA GLU B 27 10.74 1.34 5.99
C GLU B 27 9.65 1.74 5.01
N TYR B 28 9.68 3.01 4.59
CA TYR B 28 8.70 3.53 3.65
C TYR B 28 9.37 4.34 2.54
N PHE B 29 8.60 4.62 1.48
CA PHE B 29 9.09 5.42 0.37
C PHE B 29 7.93 5.92 -0.47
N TYR B 30 8.12 7.05 -1.12
CA TYR B 30 7.09 7.66 -1.97
C TYR B 30 7.09 7.01 -3.35
N THR B 31 5.96 7.15 -4.03
CA THR B 31 5.81 6.63 -5.38
C THR B 31 6.70 7.32 -6.38
N SER B 32 6.28 8.51 -6.78
CA SER B 32 7.02 9.30 -7.74
C SER B 32 6.87 10.79 -7.45
N GLY B 33 5.83 11.14 -6.71
CA GLY B 33 5.59 12.53 -6.38
C GLY B 33 4.85 13.26 -7.48
N LYS B 34 5.24 13.00 -8.72
CA LYS B 34 4.62 13.63 -9.88
C LYS B 34 3.26 13.00 -10.16
N CYS B 35 3.01 11.86 -9.53
CA CYS B 35 1.74 11.15 -9.66
C CYS B 35 0.58 12.07 -9.33
N SER B 36 -0.60 11.77 -9.87
CA SER B 36 -1.79 12.56 -9.64
C SER B 36 -2.02 12.76 -8.14
N ASN B 37 -1.91 11.68 -7.38
CA ASN B 37 -2.09 11.73 -5.94
C ASN B 37 -0.86 11.17 -5.24
N PRO B 38 -0.41 11.83 -4.18
CA PRO B 38 0.76 11.36 -3.41
C PRO B 38 0.47 10.05 -2.69
N ALA B 39 1.46 9.17 -2.65
CA ALA B 39 1.30 7.89 -2.01
C ALA B 39 2.63 7.37 -1.51
N VAL B 40 2.57 6.61 -0.43
CA VAL B 40 3.77 6.04 0.17
C VAL B 40 3.62 4.53 0.31
N VAL B 41 4.63 3.80 -0.14
CA VAL B 41 4.61 2.35 -0.08
C VAL B 41 5.30 1.85 1.19
N PHE B 42 4.67 0.88 1.84
CA PHE B 42 5.22 0.31 3.06
C PHE B 42 5.97 -0.98 2.74
N VAL B 43 7.15 -1.14 3.32
CA VAL B 43 7.97 -2.31 3.09
C VAL B 43 7.77 -3.34 4.19
N THR B 44 7.17 -4.47 3.83
CA THR B 44 6.93 -5.54 4.77
C THR B 44 8.20 -6.39 4.92
N ARG B 45 8.11 -7.48 5.67
CA ARG B 45 9.23 -8.37 5.91
C ARG B 45 9.79 -8.95 4.60
N LYS B 46 8.91 -9.13 3.62
CA LYS B 46 9.30 -9.70 2.33
C LYS B 46 9.23 -8.67 1.20
N ASN B 47 9.13 -7.39 1.57
CA ASN B 47 9.07 -6.31 0.58
C ASN B 47 7.84 -6.39 -0.30
N ARG B 48 6.70 -6.66 0.30
CA ARG B 48 5.44 -6.75 -0.43
C ARG B 48 4.98 -5.35 -0.85
N GLN B 49 4.16 -5.28 -1.88
CA GLN B 49 3.68 -4.00 -2.38
C GLN B 49 2.48 -3.49 -1.58
N VAL B 50 2.74 -2.51 -0.72
CA VAL B 50 1.70 -1.91 0.11
C VAL B 50 1.47 -0.46 -0.26
N CYS B 51 0.22 -0.08 -0.45
CA CYS B 51 -0.11 1.29 -0.83
C CYS B 51 -0.99 1.96 0.20
N ALA B 52 -0.53 3.10 0.72
CA ALA B 52 -1.29 3.85 1.71
C ALA B 52 -1.10 5.36 1.46
N ASN B 53 -2.16 6.12 1.67
CA ASN B 53 -2.14 7.56 1.47
C ASN B 53 -1.56 8.29 2.68
N PRO B 54 -0.41 8.96 2.49
CA PRO B 54 0.27 9.69 3.57
C PRO B 54 -0.46 10.95 4.02
N GLU B 55 -1.55 11.27 3.34
CA GLU B 55 -2.35 12.45 3.67
C GLU B 55 -3.34 12.12 4.79
N LYS B 56 -3.42 10.84 5.14
CA LYS B 56 -4.32 10.40 6.19
C LYS B 56 -3.60 10.47 7.54
N LYS B 57 -4.31 10.93 8.56
CA LYS B 57 -3.72 11.05 9.90
C LYS B 57 -3.31 9.70 10.47
N TRP B 58 -4.13 8.68 10.25
CA TRP B 58 -3.82 7.34 10.75
C TRP B 58 -2.63 6.74 10.00
N VAL B 59 -2.48 7.09 8.73
CA VAL B 59 -1.38 6.57 7.93
C VAL B 59 -0.07 7.24 8.33
N ARG B 60 -0.16 8.52 8.72
CA ARG B 60 1.02 9.26 9.13
C ARG B 60 1.64 8.60 10.36
N GLU B 61 0.81 8.03 11.23
CA GLU B 61 1.29 7.35 12.42
C GLU B 61 2.13 6.13 12.04
N TYR B 62 1.74 5.50 10.93
CA TYR B 62 2.44 4.34 10.41
C TYR B 62 3.83 4.74 9.94
N ILE B 63 3.91 5.85 9.22
CA ILE B 63 5.17 6.35 8.71
C ILE B 63 6.02 6.87 9.87
N ASN B 64 5.37 7.50 10.84
CA ASN B 64 6.05 8.04 12.01
C ASN B 64 6.85 6.98 12.71
N SER B 65 6.23 5.82 12.97
CA SER B 65 6.90 4.71 13.67
C SER B 65 8.21 4.30 12.98
N LEU B 66 8.32 4.58 11.69
CA LEU B 66 9.51 4.26 10.93
C LEU B 66 10.55 5.38 11.03
N SER B 67 10.08 6.58 11.30
CA SER B 67 10.96 7.74 11.37
C SER B 67 11.62 7.96 12.73
N MET B 68 10.85 8.39 13.72
CA MET B 68 11.42 8.69 15.04
C MET B 68 11.88 7.42 15.79
N SER B 69 12.47 7.61 16.96
CA SER B 69 12.95 6.49 17.75
C SER B 69 11.82 5.91 18.59
N MET A 1 -18.75 -29.40 1.54
CA MET A 1 -19.36 -28.10 1.82
C MET A 1 -18.95 -27.09 0.75
N ASP A 2 -19.51 -25.91 0.83
CA ASP A 2 -19.21 -24.85 -0.13
C ASP A 2 -17.99 -24.06 0.34
N TYR A 3 -16.84 -24.36 -0.23
CA TYR A 3 -15.61 -23.68 0.14
C TYR A 3 -15.47 -22.39 -0.65
N GLN A 4 -15.06 -21.32 0.01
CA GLN A 4 -14.90 -20.03 -0.64
C GLN A 4 -13.48 -19.48 -0.43
N VAL A 5 -12.55 -20.37 -0.13
CA VAL A 5 -11.18 -19.95 0.10
C VAL A 5 -10.33 -20.16 -1.16
N SER A 6 -9.49 -19.18 -1.47
CA SER A 6 -8.64 -19.25 -2.64
C SER A 6 -7.16 -19.09 -2.24
N SER A 7 -6.90 -19.25 -0.94
CA SER A 7 -5.55 -19.12 -0.39
C SER A 7 -4.98 -17.73 -0.63
N PRO A 8 -5.36 -16.76 0.22
CA PRO A 8 -4.90 -15.37 0.12
C PRO A 8 -3.46 -15.19 0.58
N ILE A 9 -2.62 -14.66 -0.30
CA ILE A 9 -1.21 -14.43 0.02
C ILE A 9 -0.75 -13.03 -0.39
N ASP A 11 -0.84 -10.79 -2.53
CA ASP A 11 -1.04 -10.49 -3.96
C ASP A 11 -2.50 -10.64 -4.40
N ILE A 12 -3.31 -11.29 -3.57
CA ILE A 12 -4.70 -11.48 -3.88
C ILE A 12 -5.56 -10.46 -3.07
N ASN A 13 -6.47 -10.94 -2.21
CA ASN A 13 -7.37 -10.08 -1.40
C ASN A 13 -6.73 -8.74 -1.02
N TYR A 15 -4.17 -6.99 -1.96
CA TYR A 15 -3.86 -6.03 -3.01
C TYR A 15 -4.79 -6.12 -4.23
N THR A 16 -6.07 -6.43 -4.01
CA THR A 16 -7.02 -6.51 -5.13
C THR A 16 -8.20 -5.57 -4.93
N SER A 17 -8.04 -4.58 -4.06
CA SER A 17 -9.11 -3.63 -3.78
C SER A 17 -9.24 -2.59 -4.89
N GLU A 18 -9.84 -3.00 -6.00
CA GLU A 18 -10.04 -2.10 -7.13
C GLU A 18 -11.50 -1.63 -7.23
N PRO A 19 -12.49 -2.54 -7.36
CA PRO A 19 -13.90 -2.14 -7.46
C PRO A 19 -14.43 -1.45 -6.20
N ALA A 20 -13.69 -1.55 -5.10
CA ALA A 20 -14.10 -0.91 -3.85
C ALA A 20 -13.64 0.55 -3.82
N GLN A 21 -13.00 0.99 -4.89
CA GLN A 21 -12.51 2.35 -4.99
C GLN A 21 -13.56 3.25 -5.63
N LYS A 22 -13.79 4.42 -5.04
CA LYS A 22 -14.75 5.35 -5.57
C LYS A 22 -14.11 6.18 -6.68
N ILE A 23 -14.30 5.74 -7.91
CA ILE A 23 -13.73 6.42 -9.07
C ILE A 23 -14.73 7.42 -9.64
N ASN A 24 -14.70 8.64 -9.10
CA ASN A 24 -15.58 9.72 -9.55
C ASN A 24 -17.06 9.31 -9.46
N VAL A 25 -17.51 9.02 -8.26
CA VAL A 25 -18.90 8.62 -8.03
C VAL A 25 -19.58 9.62 -7.12
N LYS A 26 -20.78 10.04 -7.49
CA LYS A 26 -21.53 11.00 -6.71
C LYS A 26 -22.87 10.42 -6.30
N GLN A 27 -22.98 10.10 -5.02
CA GLN A 27 -24.21 9.54 -4.47
C GLN A 27 -24.96 10.61 -3.68
N SER B 2 12.18 -5.50 -3.68
CA SER B 2 12.90 -4.92 -4.81
C SER B 2 13.95 -3.93 -4.31
N PRO B 3 15.24 -4.28 -4.44
CA PRO B 3 16.36 -3.43 -3.99
C PRO B 3 16.44 -2.09 -4.73
N TYR B 4 16.05 -2.07 -6.00
CA TYR B 4 16.10 -0.85 -6.79
C TYR B 4 14.71 -0.30 -7.04
N SER B 5 14.62 1.01 -7.27
CA SER B 5 13.34 1.66 -7.52
C SER B 5 12.97 1.60 -8.99
N SER B 6 13.77 0.89 -9.78
CA SER B 6 13.50 0.75 -11.21
C SER B 6 12.19 0.00 -11.45
N ASP B 7 12.02 -1.09 -10.72
CA ASP B 7 10.82 -1.93 -10.82
C ASP B 7 9.56 -1.12 -10.54
N THR B 8 9.64 -0.25 -9.55
CA THR B 8 8.50 0.57 -9.16
C THR B 8 8.44 1.86 -9.97
N THR B 9 7.78 1.81 -11.11
CA THR B 9 7.63 2.99 -11.95
C THR B 9 6.20 3.53 -11.86
N SER B 10 5.24 2.63 -11.75
CA SER B 10 3.84 3.01 -11.65
C SER B 10 3.48 3.42 -10.23
N CYS B 11 2.47 4.26 -10.08
CA CYS B 11 2.05 4.73 -8.77
C CYS B 11 0.76 4.09 -8.34
N CYS B 12 0.61 3.90 -7.03
CA CYS B 12 -0.59 3.31 -6.46
C CYS B 12 -1.79 4.24 -6.61
N PHE B 13 -2.87 3.71 -7.16
CA PHE B 13 -4.08 4.49 -7.36
C PHE B 13 -5.21 4.01 -6.47
N ALA B 14 -4.94 2.98 -5.68
CA ALA B 14 -5.94 2.40 -4.79
C ALA B 14 -5.34 2.09 -3.43
N TYR B 15 -6.21 1.74 -2.49
CA TYR B 15 -5.79 1.42 -1.13
C TYR B 15 -5.76 -0.09 -0.92
N ILE B 16 -5.07 -0.52 0.12
CA ILE B 16 -4.99 -1.93 0.44
C ILE B 16 -6.31 -2.37 1.07
N ALA B 17 -6.73 -3.60 0.74
CA ALA B 17 -7.97 -4.17 1.23
C ALA B 17 -8.18 -3.96 2.72
N ARG B 18 -7.14 -4.21 3.48
CA ARG B 18 -7.19 -4.09 4.92
C ARG B 18 -5.95 -3.37 5.42
N PRO B 19 -6.05 -2.66 6.57
CA PRO B 19 -4.91 -1.92 7.15
C PRO B 19 -3.77 -2.85 7.55
N LEU B 20 -2.74 -2.85 6.73
CA LEU B 20 -1.57 -3.68 6.94
C LEU B 20 -0.89 -3.37 8.27
N PRO B 21 -0.38 -4.38 9.00
CA PRO B 21 0.27 -4.17 10.28
C PRO B 21 1.54 -3.32 10.17
N ARG B 22 1.52 -2.16 10.82
CA ARG B 22 2.65 -1.24 10.80
C ARG B 22 3.86 -1.83 11.51
N ALA B 23 3.63 -2.80 12.38
CA ALA B 23 4.70 -3.44 13.13
C ALA B 23 5.56 -4.36 12.27
N HIS B 24 5.02 -4.79 11.13
CA HIS B 24 5.76 -5.66 10.22
C HIS B 24 6.34 -4.88 9.06
N ILE B 25 6.46 -3.57 9.27
CA ILE B 25 6.99 -2.68 8.26
C ILE B 25 8.44 -2.31 8.58
N LYS B 26 9.30 -2.35 7.59
CA LYS B 26 10.71 -2.04 7.77
C LYS B 26 11.01 -0.58 7.46
N GLU B 27 10.59 -0.13 6.29
CA GLU B 27 10.83 1.25 5.86
C GLU B 27 9.75 1.69 4.88
N TYR B 28 9.77 2.97 4.51
CA TYR B 28 8.80 3.52 3.60
C TYR B 28 9.45 4.35 2.51
N PHE B 29 8.71 4.64 1.45
CA PHE B 29 9.21 5.44 0.35
C PHE B 29 8.03 5.95 -0.49
N TYR B 30 8.18 7.12 -1.06
CA TYR B 30 7.15 7.72 -1.89
C TYR B 30 7.19 7.13 -3.29
N THR B 31 6.03 7.09 -3.94
CA THR B 31 5.91 6.55 -5.28
C THR B 31 6.79 7.27 -6.29
N SER B 32 6.32 8.41 -6.75
CA SER B 32 7.04 9.18 -7.74
C SER B 32 6.94 10.67 -7.48
N GLY B 33 5.81 11.10 -6.95
CA GLY B 33 5.62 12.51 -6.65
C GLY B 33 4.95 13.24 -7.80
N LYS B 34 5.36 12.92 -9.03
CA LYS B 34 4.79 13.56 -10.22
C LYS B 34 3.45 12.95 -10.56
N CYS B 35 3.09 11.87 -9.87
CA CYS B 35 1.82 11.19 -10.09
C CYS B 35 0.64 12.07 -9.65
N SER B 36 -0.56 11.64 -10.00
CA SER B 36 -1.79 12.38 -9.68
C SER B 36 -1.92 12.65 -8.17
N ASN B 37 -1.81 11.59 -7.38
CA ASN B 37 -1.94 11.72 -5.93
C ASN B 37 -0.69 11.18 -5.24
N PRO B 38 -0.28 11.82 -4.13
CA PRO B 38 0.89 11.37 -3.37
C PRO B 38 0.60 10.05 -2.67
N ALA B 39 1.58 9.16 -2.66
CA ALA B 39 1.40 7.86 -2.03
C ALA B 39 2.71 7.34 -1.51
N VAL B 40 2.63 6.64 -0.38
CA VAL B 40 3.82 6.07 0.24
C VAL B 40 3.68 4.55 0.34
N VAL B 41 4.73 3.84 -0.07
CA VAL B 41 4.72 2.39 -0.03
C VAL B 41 5.39 1.88 1.23
N PHE B 42 4.76 0.90 1.87
CA PHE B 42 5.28 0.29 3.07
C PHE B 42 5.96 -1.03 2.74
N VAL B 43 7.17 -1.21 3.25
CA VAL B 43 7.93 -2.42 3.00
C VAL B 43 7.72 -3.42 4.12
N THR B 44 7.08 -4.55 3.81
CA THR B 44 6.81 -5.58 4.80
C THR B 44 8.05 -6.45 5.02
N ARG B 45 7.88 -7.59 5.69
CA ARG B 45 9.01 -8.49 5.98
C ARG B 45 9.46 -9.20 4.71
N LYS B 46 8.54 -9.33 3.76
CA LYS B 46 8.82 -10.01 2.51
C LYS B 46 8.85 -9.02 1.35
N ASN B 47 9.00 -7.75 1.68
CA ASN B 47 9.08 -6.68 0.69
C ASN B 47 7.86 -6.67 -0.23
N ARG B 48 6.68 -6.76 0.35
CA ARG B 48 5.45 -6.75 -0.41
C ARG B 48 5.08 -5.32 -0.81
N GLN B 49 4.26 -5.19 -1.86
CA GLN B 49 3.83 -3.87 -2.33
C GLN B 49 2.61 -3.37 -1.57
N VAL B 50 2.83 -2.42 -0.66
CA VAL B 50 1.77 -1.83 0.14
C VAL B 50 1.56 -0.37 -0.24
N CYS B 51 0.32 0.03 -0.42
CA CYS B 51 0.02 1.40 -0.82
C CYS B 51 -0.93 2.08 0.16
N ALA B 52 -0.51 3.21 0.72
CA ALA B 52 -1.33 3.95 1.65
C ALA B 52 -1.21 5.46 1.38
N ASN B 53 -2.23 6.21 1.76
CA ASN B 53 -2.25 7.64 1.55
C ASN B 53 -1.64 8.39 2.73
N PRO B 54 -0.50 9.07 2.50
CA PRO B 54 0.22 9.81 3.55
C PRO B 54 -0.56 11.01 4.08
N GLU B 55 -1.63 11.37 3.38
CA GLU B 55 -2.46 12.49 3.77
C GLU B 55 -3.38 12.12 4.93
N LYS B 56 -3.46 10.83 5.22
CA LYS B 56 -4.30 10.35 6.31
C LYS B 56 -3.55 10.44 7.64
N LYS B 57 -4.27 10.78 8.69
CA LYS B 57 -3.67 10.91 10.02
C LYS B 57 -3.16 9.58 10.54
N TRP B 58 -3.94 8.52 10.36
CA TRP B 58 -3.53 7.20 10.83
C TRP B 58 -2.34 6.67 10.04
N VAL B 59 -2.26 7.03 8.76
CA VAL B 59 -1.15 6.60 7.92
C VAL B 59 0.13 7.30 8.34
N ARG B 60 -0.01 8.54 8.83
CA ARG B 60 1.13 9.31 9.28
C ARG B 60 1.78 8.62 10.47
N GLU B 61 0.96 7.99 11.32
CA GLU B 61 1.45 7.27 12.48
C GLU B 61 2.25 6.06 12.04
N TYR B 62 1.77 5.45 10.95
CA TYR B 62 2.42 4.28 10.37
C TYR B 62 3.84 4.65 9.94
N ILE B 63 3.97 5.82 9.33
CA ILE B 63 5.24 6.32 8.86
C ILE B 63 6.11 6.83 10.01
N ASN B 64 5.47 7.48 10.99
CA ASN B 64 6.18 8.03 12.15
C ASN B 64 7.05 6.99 12.83
N SER B 65 6.51 5.79 13.02
CA SER B 65 7.26 4.71 13.68
C SER B 65 8.52 4.35 12.89
N LEU B 66 8.51 4.64 11.59
CA LEU B 66 9.65 4.38 10.72
C LEU B 66 10.61 5.55 10.71
N SER B 67 10.13 6.70 11.18
CA SER B 67 10.93 7.92 11.19
C SER B 67 11.65 8.12 12.53
N MET B 68 10.98 7.85 13.63
CA MET B 68 11.59 8.02 14.93
C MET B 68 11.30 6.82 15.83
N SER B 69 11.86 6.84 17.03
CA SER B 69 11.66 5.76 17.97
C SER B 69 11.13 6.30 19.30
N MET A 1 -22.86 -18.20 -6.84
CA MET A 1 -22.27 -17.97 -8.15
C MET A 1 -20.81 -17.55 -8.03
N ASP A 2 -20.44 -17.08 -6.85
CA ASP A 2 -19.07 -16.63 -6.59
C ASP A 2 -18.49 -17.37 -5.40
N TYR A 3 -17.17 -17.41 -5.33
CA TYR A 3 -16.48 -18.09 -4.24
C TYR A 3 -15.38 -17.20 -3.68
N GLN A 4 -15.03 -17.41 -2.42
CA GLN A 4 -14.01 -16.62 -1.77
C GLN A 4 -12.87 -17.52 -1.26
N VAL A 5 -11.71 -16.93 -1.08
CA VAL A 5 -10.54 -17.67 -0.59
C VAL A 5 -10.12 -17.12 0.78
N SER A 6 -10.15 -17.98 1.79
CA SER A 6 -9.79 -17.56 3.15
C SER A 6 -8.29 -17.69 3.40
N SER A 7 -7.53 -17.86 2.33
CA SER A 7 -6.09 -17.99 2.42
C SER A 7 -5.40 -16.81 1.71
N PRO A 8 -5.16 -15.71 2.45
CA PRO A 8 -4.52 -14.53 1.89
C PRO A 8 -3.00 -14.66 1.87
N ILE A 9 -2.40 -14.47 0.70
CA ILE A 9 -0.94 -14.57 0.57
C ILE A 9 -0.38 -13.24 0.09
N ASP A 11 -0.08 -11.23 -2.18
CA ASP A 11 -0.06 -11.04 -3.63
C ASP A 11 -1.46 -11.01 -4.23
N ILE A 12 -2.33 -11.85 -3.70
CA ILE A 12 -3.69 -11.92 -4.19
C ILE A 12 -4.63 -11.01 -3.38
N ASN A 13 -5.53 -11.59 -2.54
CA ASN A 13 -6.52 -10.85 -1.73
C ASN A 13 -6.11 -9.41 -1.41
N TYR A 15 -3.79 -7.29 -2.30
CA TYR A 15 -3.57 -6.32 -3.37
C TYR A 15 -4.45 -6.58 -4.59
N THR A 16 -5.55 -7.29 -4.40
CA THR A 16 -6.46 -7.56 -5.51
C THR A 16 -7.87 -7.03 -5.21
N SER A 17 -7.94 -6.07 -4.30
CA SER A 17 -9.20 -5.46 -3.93
C SER A 17 -9.88 -4.85 -5.14
N GLU A 18 -9.08 -4.43 -6.11
CA GLU A 18 -9.59 -3.85 -7.34
C GLU A 18 -9.09 -4.67 -8.53
N PRO A 19 -9.78 -5.79 -8.84
CA PRO A 19 -9.41 -6.67 -9.95
C PRO A 19 -9.54 -5.98 -11.30
N ALA A 20 -10.37 -4.95 -11.37
CA ALA A 20 -10.60 -4.23 -12.60
C ALA A 20 -9.55 -3.14 -12.80
N GLN A 21 -8.62 -3.05 -11.88
CA GLN A 21 -7.56 -2.04 -11.96
C GLN A 21 -6.19 -2.68 -12.15
N LYS A 22 -6.13 -3.99 -11.94
CA LYS A 22 -4.89 -4.73 -12.11
C LYS A 22 -5.09 -5.86 -13.10
N ILE A 23 -4.57 -5.68 -14.31
CA ILE A 23 -4.70 -6.69 -15.35
C ILE A 23 -3.37 -7.40 -15.61
N ASN A 24 -2.46 -7.27 -14.64
CA ASN A 24 -1.13 -7.88 -14.72
C ASN A 24 -0.38 -7.37 -15.95
N VAL A 25 0.18 -6.19 -15.83
CA VAL A 25 0.93 -5.56 -16.92
C VAL A 25 2.34 -6.12 -16.99
N LYS A 26 2.81 -6.60 -15.84
CA LYS A 26 4.15 -7.18 -15.72
C LYS A 26 5.22 -6.12 -15.95
N GLN A 27 5.28 -5.15 -15.03
CA GLN A 27 6.24 -4.05 -15.10
C GLN A 27 6.15 -3.31 -16.44
N SER B 2 20.74 -0.97 -14.43
CA SER B 2 19.32 -1.26 -14.43
C SER B 2 18.60 -0.45 -15.51
N PRO B 3 17.75 -1.11 -16.32
CA PRO B 3 17.00 -0.44 -17.38
C PRO B 3 15.90 0.47 -16.82
N TYR B 4 15.37 0.07 -15.67
CA TYR B 4 14.33 0.84 -15.00
C TYR B 4 14.96 1.81 -14.02
N SER B 5 14.45 3.04 -13.99
CA SER B 5 14.97 4.05 -13.08
C SER B 5 14.58 3.71 -11.64
N SER B 6 13.43 3.09 -11.49
CA SER B 6 12.93 2.70 -10.19
C SER B 6 12.38 1.27 -10.26
N ASP B 7 11.85 0.79 -9.15
CA ASP B 7 11.29 -0.57 -9.10
C ASP B 7 9.91 -0.56 -9.73
N THR B 8 9.11 0.43 -9.35
CA THR B 8 7.76 0.58 -9.86
C THR B 8 7.57 1.98 -10.44
N THR B 9 7.30 2.06 -11.73
CA THR B 9 7.08 3.34 -12.38
C THR B 9 5.67 3.83 -12.09
N SER B 10 4.72 2.90 -12.09
CA SER B 10 3.33 3.22 -11.83
C SER B 10 3.13 3.52 -10.34
N CYS B 11 2.37 4.56 -10.06
CA CYS B 11 2.10 4.97 -8.70
C CYS B 11 0.81 4.33 -8.19
N CYS B 12 0.68 4.23 -6.87
CA CYS B 12 -0.49 3.64 -6.26
C CYS B 12 -1.70 4.57 -6.40
N PHE B 13 -2.77 4.06 -6.99
CA PHE B 13 -3.99 4.83 -7.18
C PHE B 13 -5.14 4.23 -6.41
N ALA B 14 -4.85 3.17 -5.64
CA ALA B 14 -5.86 2.49 -4.85
C ALA B 14 -5.32 2.11 -3.48
N TYR B 15 -6.19 1.64 -2.61
CA TYR B 15 -5.80 1.24 -1.27
C TYR B 15 -5.79 -0.27 -1.13
N ILE B 16 -5.07 -0.76 -0.12
CA ILE B 16 -4.97 -2.18 0.13
C ILE B 16 -6.29 -2.71 0.69
N ALA B 17 -6.57 -3.99 0.39
CA ALA B 17 -7.78 -4.65 0.86
C ALA B 17 -7.99 -4.45 2.35
N ARG B 18 -6.98 -4.82 3.12
CA ARG B 18 -7.05 -4.73 4.57
C ARG B 18 -5.94 -3.82 5.08
N PRO B 19 -6.14 -3.16 6.24
CA PRO B 19 -5.11 -2.29 6.83
C PRO B 19 -3.89 -3.10 7.30
N LEU B 20 -2.82 -2.98 6.55
CA LEU B 20 -1.58 -3.70 6.84
C LEU B 20 -1.00 -3.32 8.19
N PRO B 21 -0.38 -4.29 8.90
CA PRO B 21 0.22 -4.05 10.22
C PRO B 21 1.51 -3.23 10.13
N ARG B 22 1.56 -2.14 10.88
CA ARG B 22 2.73 -1.27 10.88
C ARG B 22 3.91 -1.92 11.61
N ALA B 23 3.63 -2.91 12.44
CA ALA B 23 4.66 -3.60 13.21
C ALA B 23 5.52 -4.50 12.34
N HIS B 24 5.01 -4.88 11.18
CA HIS B 24 5.76 -5.74 10.26
C HIS B 24 6.37 -4.91 9.14
N ILE B 25 6.41 -3.60 9.35
CA ILE B 25 6.95 -2.69 8.38
C ILE B 25 8.36 -2.27 8.78
N LYS B 26 9.28 -2.34 7.82
CA LYS B 26 10.68 -2.00 8.07
C LYS B 26 10.96 -0.53 7.76
N GLU B 27 10.55 -0.11 6.57
CA GLU B 27 10.77 1.25 6.12
C GLU B 27 9.69 1.67 5.13
N TYR B 28 9.72 2.93 4.72
CA TYR B 28 8.74 3.45 3.78
C TYR B 28 9.42 4.26 2.68
N PHE B 29 8.71 4.46 1.59
CA PHE B 29 9.21 5.25 0.47
C PHE B 29 8.06 5.74 -0.39
N TYR B 30 8.24 6.89 -1.01
CA TYR B 30 7.21 7.49 -1.85
C TYR B 30 7.27 6.90 -3.26
N THR B 31 6.19 7.07 -4.01
CA THR B 31 6.12 6.56 -5.36
C THR B 31 6.68 7.56 -6.37
N SER B 32 5.87 8.54 -6.74
CA SER B 32 6.28 9.54 -7.71
C SER B 32 5.58 10.87 -7.43
N GLY B 33 6.30 11.95 -7.69
CA GLY B 33 5.74 13.27 -7.49
C GLY B 33 4.86 13.67 -8.65
N LYS B 34 5.01 12.96 -9.75
CA LYS B 34 4.22 13.23 -10.96
C LYS B 34 2.84 12.60 -10.86
N CYS B 35 2.68 11.72 -9.88
CA CYS B 35 1.41 11.02 -9.67
C CYS B 35 0.30 11.99 -9.26
N SER B 36 -0.94 11.59 -9.48
CA SER B 36 -2.10 12.40 -9.14
C SER B 36 -2.10 12.73 -7.66
N ASN B 37 -2.09 11.69 -6.82
CA ASN B 37 -2.07 11.86 -5.37
C ASN B 37 -0.84 11.18 -4.81
N PRO B 38 -0.19 11.80 -3.81
CA PRO B 38 1.00 11.23 -3.18
C PRO B 38 0.69 9.91 -2.49
N ALA B 39 1.60 8.96 -2.59
CA ALA B 39 1.40 7.66 -1.97
C ALA B 39 2.70 7.13 -1.42
N VAL B 40 2.61 6.46 -0.29
CA VAL B 40 3.78 5.90 0.37
C VAL B 40 3.66 4.38 0.43
N VAL B 41 4.73 3.70 0.03
CA VAL B 41 4.76 2.25 0.04
C VAL B 41 5.42 1.73 1.31
N PHE B 42 4.73 0.84 2.00
CA PHE B 42 5.25 0.25 3.21
C PHE B 42 5.95 -1.06 2.89
N VAL B 43 7.17 -1.20 3.41
CA VAL B 43 7.97 -2.40 3.18
C VAL B 43 7.74 -3.42 4.30
N THR B 44 7.11 -4.54 3.95
CA THR B 44 6.84 -5.60 4.92
C THR B 44 8.10 -6.41 5.17
N ARG B 45 7.97 -7.56 5.84
CA ARG B 45 9.12 -8.41 6.14
C ARG B 45 9.64 -9.09 4.88
N LYS B 46 8.79 -9.22 3.88
CA LYS B 46 9.18 -9.86 2.63
C LYS B 46 9.19 -8.87 1.47
N ASN B 47 9.20 -7.58 1.82
CA ASN B 47 9.25 -6.50 0.82
C ASN B 47 8.03 -6.50 -0.10
N ARG B 48 6.85 -6.73 0.47
CA ARG B 48 5.62 -6.75 -0.32
C ARG B 48 5.23 -5.34 -0.76
N GLN B 49 4.40 -5.23 -1.79
CA GLN B 49 3.99 -3.93 -2.30
C GLN B 49 2.74 -3.43 -1.57
N VAL B 50 2.93 -2.48 -0.67
CA VAL B 50 1.84 -1.88 0.10
C VAL B 50 1.66 -0.42 -0.29
N CYS B 51 0.41 0.01 -0.44
CA CYS B 51 0.14 1.39 -0.82
C CYS B 51 -0.78 2.08 0.19
N ALA B 52 -0.30 3.19 0.75
CA ALA B 52 -1.08 3.94 1.71
C ALA B 52 -0.99 5.43 1.40
N ASN B 53 -2.05 6.17 1.74
CA ASN B 53 -2.10 7.60 1.50
C ASN B 53 -1.53 8.37 2.69
N PRO B 54 -0.41 9.06 2.49
CA PRO B 54 0.28 9.84 3.55
C PRO B 54 -0.52 11.06 4.00
N GLU B 55 -1.63 11.33 3.33
CA GLU B 55 -2.47 12.46 3.68
C GLU B 55 -3.41 12.10 4.83
N LYS B 56 -3.45 10.82 5.18
CA LYS B 56 -4.30 10.36 6.27
C LYS B 56 -3.57 10.48 7.60
N LYS B 57 -4.30 10.82 8.65
CA LYS B 57 -3.73 10.99 9.99
C LYS B 57 -3.18 9.68 10.53
N TRP B 58 -3.95 8.62 10.39
CA TRP B 58 -3.54 7.31 10.88
C TRP B 58 -2.35 6.76 10.09
N VAL B 59 -2.32 7.03 8.79
CA VAL B 59 -1.24 6.55 7.94
C VAL B 59 0.07 7.22 8.32
N ARG B 60 0.00 8.51 8.66
CA ARG B 60 1.19 9.24 9.06
C ARG B 60 1.81 8.60 10.30
N GLU B 61 0.96 8.08 11.18
CA GLU B 61 1.42 7.43 12.41
C GLU B 61 2.08 6.10 12.07
N TYR B 62 1.61 5.48 11.00
CA TYR B 62 2.19 4.23 10.54
C TYR B 62 3.61 4.50 10.05
N ILE B 63 3.81 5.72 9.56
CA ILE B 63 5.10 6.16 9.09
C ILE B 63 5.93 6.67 10.28
N ASN B 64 5.23 7.16 11.31
CA ASN B 64 5.91 7.65 12.51
C ASN B 64 6.64 6.51 13.21
N SER B 65 6.03 5.33 13.19
CA SER B 65 6.63 4.16 13.82
C SER B 65 7.97 3.82 13.15
N LEU B 66 8.12 4.29 11.91
CA LEU B 66 9.34 4.08 11.14
C LEU B 66 10.31 5.24 11.39
N SER B 67 9.76 6.44 11.52
CA SER B 67 10.57 7.62 11.76
C SER B 67 9.83 8.68 12.59
N MET B 68 9.77 8.42 13.90
CA MET B 68 9.19 9.25 14.96
C MET B 68 7.85 9.95 14.64
N SER B 69 7.26 10.54 15.67
CA SER B 69 5.99 11.23 15.55
C SER B 69 6.18 12.74 15.68
N MET A 1 -18.28 -29.88 2.23
CA MET A 1 -18.38 -28.49 2.68
C MET A 1 -17.95 -27.54 1.57
N ASP A 2 -18.59 -26.38 1.52
CA ASP A 2 -18.28 -25.38 0.50
C ASP A 2 -17.26 -24.40 1.03
N TYR A 3 -16.05 -24.45 0.47
CA TYR A 3 -14.98 -23.56 0.90
C TYR A 3 -15.11 -22.20 0.23
N GLN A 4 -14.53 -21.19 0.86
CA GLN A 4 -14.57 -19.84 0.33
C GLN A 4 -13.21 -19.17 0.47
N VAL A 5 -12.15 -19.95 0.31
CA VAL A 5 -10.80 -19.44 0.41
C VAL A 5 -9.95 -19.89 -0.78
N SER A 6 -9.23 -18.95 -1.38
CA SER A 6 -8.39 -19.26 -2.54
C SER A 6 -6.92 -18.99 -2.22
N SER A 7 -6.52 -19.37 -1.00
CA SER A 7 -5.13 -19.22 -0.55
C SER A 7 -4.71 -17.74 -0.45
N PRO A 8 -4.80 -17.16 0.76
CA PRO A 8 -4.41 -15.77 1.01
C PRO A 8 -2.90 -15.59 1.08
N ILE A 9 -2.35 -14.78 0.17
CA ILE A 9 -0.91 -14.54 0.15
C ILE A 9 -0.59 -13.08 -0.16
N ASP A 11 -0.77 -10.95 -2.29
CA ASP A 11 -0.78 -10.60 -3.72
C ASP A 11 -2.19 -10.62 -4.31
N ILE A 12 -3.10 -11.36 -3.68
CA ILE A 12 -4.47 -11.44 -4.16
C ILE A 12 -5.37 -10.44 -3.41
N ASN A 13 -6.32 -10.94 -2.59
CA ASN A 13 -7.29 -10.10 -1.84
C ASN A 13 -6.74 -8.74 -1.43
N TYR A 15 -4.17 -6.94 -2.19
CA TYR A 15 -3.76 -5.98 -3.21
C TYR A 15 -4.62 -6.07 -4.48
N THR A 16 -5.90 -6.38 -4.32
CA THR A 16 -6.81 -6.44 -5.46
C THR A 16 -8.08 -5.65 -5.17
N SER A 17 -8.01 -4.77 -4.18
CA SER A 17 -9.14 -3.97 -3.78
C SER A 17 -9.30 -2.73 -4.66
N GLU A 18 -10.01 -2.90 -5.76
CA GLU A 18 -10.26 -1.81 -6.70
C GLU A 18 -11.76 -1.50 -6.84
N PRO A 19 -12.62 -2.49 -7.19
CA PRO A 19 -14.08 -2.25 -7.34
C PRO A 19 -14.72 -1.70 -6.07
N ALA A 20 -14.05 -1.88 -4.94
CA ALA A 20 -14.57 -1.41 -3.67
C ALA A 20 -14.13 0.02 -3.37
N GLN A 21 -13.70 0.74 -4.40
CA GLN A 21 -13.25 2.11 -4.25
C GLN A 21 -14.15 3.06 -5.04
N LYS A 22 -14.51 4.18 -4.42
CA LYS A 22 -15.35 5.17 -5.06
C LYS A 22 -14.51 6.04 -5.99
N ILE A 23 -14.49 5.68 -7.27
CA ILE A 23 -13.71 6.42 -8.25
C ILE A 23 -14.62 7.25 -9.14
N ASN A 24 -14.76 8.52 -8.79
CA ASN A 24 -15.58 9.47 -9.54
C ASN A 24 -17.05 9.05 -9.54
N VAL A 25 -17.47 8.49 -8.42
CA VAL A 25 -18.85 8.05 -8.27
C VAL A 25 -19.54 8.89 -7.21
N LYS A 26 -20.71 9.41 -7.53
CA LYS A 26 -21.46 10.23 -6.60
C LYS A 26 -22.78 9.55 -6.27
N GLN A 27 -23.15 9.61 -5.00
CA GLN A 27 -24.39 9.00 -4.53
C GLN A 27 -25.05 9.89 -3.48
N SER B 2 12.69 -6.29 -4.66
CA SER B 2 12.81 -4.97 -5.26
C SER B 2 14.19 -4.37 -4.98
N PRO B 3 15.19 -4.68 -5.82
CA PRO B 3 16.55 -4.18 -5.66
C PRO B 3 16.68 -2.73 -6.12
N TYR B 4 15.86 -2.35 -7.07
CA TYR B 4 15.86 -1.00 -7.63
C TYR B 4 14.44 -0.45 -7.67
N SER B 5 14.30 0.84 -7.41
CA SER B 5 12.99 1.49 -7.40
C SER B 5 12.38 1.52 -8.81
N SER B 6 13.23 1.29 -9.80
CA SER B 6 12.80 1.28 -11.19
C SER B 6 11.76 0.19 -11.48
N ASP B 7 11.84 -0.89 -10.69
CA ASP B 7 10.91 -2.02 -10.84
C ASP B 7 9.47 -1.55 -10.71
N THR B 8 9.25 -0.55 -9.86
CA THR B 8 7.92 -0.01 -9.64
C THR B 8 7.82 1.41 -10.22
N THR B 9 7.37 1.49 -11.46
CA THR B 9 7.22 2.78 -12.12
C THR B 9 5.82 3.37 -11.88
N SER B 10 4.81 2.51 -11.94
CA SER B 10 3.44 2.94 -11.73
C SER B 10 3.18 3.26 -10.26
N CYS B 11 2.34 4.26 -10.02
CA CYS B 11 2.00 4.68 -8.67
C CYS B 11 0.70 4.01 -8.22
N CYS B 12 0.55 3.86 -6.90
CA CYS B 12 -0.64 3.26 -6.34
C CYS B 12 -1.86 4.16 -6.53
N PHE B 13 -2.90 3.62 -7.13
CA PHE B 13 -4.13 4.36 -7.38
C PHE B 13 -5.26 3.80 -6.53
N ALA B 14 -4.92 2.82 -5.70
CA ALA B 14 -5.90 2.18 -4.83
C ALA B 14 -5.32 1.90 -3.46
N TYR B 15 -6.19 1.51 -2.53
CA TYR B 15 -5.79 1.22 -1.17
C TYR B 15 -5.86 -0.27 -0.91
N ILE B 16 -5.16 -0.71 0.13
CA ILE B 16 -5.15 -2.12 0.50
C ILE B 16 -6.48 -2.50 1.12
N ALA B 17 -6.85 -3.78 0.95
CA ALA B 17 -8.09 -4.33 1.50
C ALA B 17 -8.31 -3.88 2.95
N ARG B 18 -7.33 -4.16 3.79
CA ARG B 18 -7.40 -3.79 5.20
C ARG B 18 -6.04 -3.26 5.65
N PRO B 19 -6.01 -2.39 6.68
CA PRO B 19 -4.76 -1.81 7.21
C PRO B 19 -3.73 -2.86 7.58
N LEU B 20 -2.54 -2.74 7.00
CA LEU B 20 -1.44 -3.66 7.24
C LEU B 20 -0.83 -3.45 8.63
N PRO B 21 -0.09 -4.45 9.14
CA PRO B 21 0.57 -4.34 10.45
C PRO B 21 1.79 -3.41 10.38
N ARG B 22 1.71 -2.31 11.13
CA ARG B 22 2.79 -1.32 11.18
C ARG B 22 4.07 -1.86 11.80
N ALA B 23 3.93 -2.88 12.63
CA ALA B 23 5.08 -3.46 13.31
C ALA B 23 5.93 -4.34 12.39
N HIS B 24 5.37 -4.73 11.27
CA HIS B 24 6.09 -5.57 10.32
C HIS B 24 6.63 -4.73 9.16
N ILE B 25 6.60 -3.42 9.35
CA ILE B 25 7.09 -2.51 8.34
C ILE B 25 8.54 -2.14 8.61
N LYS B 26 9.38 -2.25 7.59
CA LYS B 26 10.80 -1.95 7.73
C LYS B 26 11.08 -0.48 7.44
N GLU B 27 10.62 -0.01 6.29
CA GLU B 27 10.82 1.38 5.89
C GLU B 27 9.74 1.81 4.91
N TYR B 28 9.74 3.09 4.56
CA TYR B 28 8.75 3.63 3.64
C TYR B 28 9.44 4.43 2.53
N PHE B 29 8.68 4.71 1.47
CA PHE B 29 9.19 5.50 0.35
C PHE B 29 8.04 5.97 -0.52
N TYR B 30 8.19 7.15 -1.10
CA TYR B 30 7.17 7.72 -1.98
C TYR B 30 7.18 7.04 -3.33
N THR B 31 6.02 7.01 -3.96
CA THR B 31 5.86 6.39 -5.26
C THR B 31 6.63 7.15 -6.33
N SER B 32 6.32 8.42 -6.48
CA SER B 32 6.96 9.26 -7.47
C SER B 32 6.76 10.72 -7.12
N GLY B 33 5.53 11.06 -6.71
CA GLY B 33 5.22 12.43 -6.37
C GLY B 33 4.71 13.18 -7.59
N LYS B 34 5.29 12.85 -8.74
CA LYS B 34 4.92 13.48 -10.00
C LYS B 34 3.57 12.94 -10.46
N CYS B 35 3.15 11.84 -9.85
CA CYS B 35 1.89 11.21 -10.17
C CYS B 35 0.72 12.10 -9.73
N SER B 36 -0.47 11.77 -10.23
CA SER B 36 -1.69 12.52 -9.92
C SER B 36 -1.85 12.77 -8.42
N ASN B 37 -1.71 11.72 -7.62
CA ASN B 37 -1.84 11.84 -6.18
C ASN B 37 -0.61 11.30 -5.48
N PRO B 38 -0.24 11.89 -4.32
CA PRO B 38 0.91 11.44 -3.55
C PRO B 38 0.60 10.14 -2.81
N ALA B 39 1.58 9.25 -2.74
CA ALA B 39 1.39 7.97 -2.08
C ALA B 39 2.72 7.43 -1.57
N VAL B 40 2.64 6.67 -0.50
CA VAL B 40 3.81 6.08 0.11
C VAL B 40 3.64 4.57 0.25
N VAL B 41 4.67 3.82 -0.11
CA VAL B 41 4.62 2.37 -0.02
C VAL B 41 5.29 1.86 1.24
N PHE B 42 4.66 0.90 1.89
CA PHE B 42 5.19 0.31 3.11
C PHE B 42 5.89 -1.00 2.78
N VAL B 43 7.13 -1.14 3.23
CA VAL B 43 7.91 -2.34 2.99
C VAL B 43 7.72 -3.35 4.12
N THR B 44 7.07 -4.47 3.79
CA THR B 44 6.83 -5.51 4.77
C THR B 44 8.07 -6.39 4.95
N ARG B 45 7.91 -7.54 5.61
CA ARG B 45 9.03 -8.44 5.87
C ARG B 45 9.49 -9.14 4.60
N LYS B 46 8.58 -9.28 3.64
CA LYS B 46 8.90 -9.94 2.37
C LYS B 46 8.89 -8.95 1.22
N ASN B 47 8.88 -7.66 1.57
CA ASN B 47 8.91 -6.59 0.57
C ASN B 47 7.66 -6.59 -0.30
N ARG B 48 6.50 -6.76 0.34
CA ARG B 48 5.23 -6.76 -0.36
C ARG B 48 4.86 -5.33 -0.77
N GLN B 49 4.12 -5.19 -1.86
CA GLN B 49 3.71 -3.86 -2.34
C GLN B 49 2.48 -3.37 -1.59
N VAL B 50 2.70 -2.45 -0.66
CA VAL B 50 1.62 -1.87 0.13
C VAL B 50 1.39 -0.43 -0.28
N CYS B 51 0.13 -0.04 -0.39
CA CYS B 51 -0.21 1.32 -0.78
C CYS B 51 -1.08 2.00 0.26
N ALA B 52 -0.61 3.13 0.76
CA ALA B 52 -1.34 3.90 1.75
C ALA B 52 -1.21 5.39 1.45
N ASN B 53 -2.21 6.17 1.86
CA ASN B 53 -2.20 7.61 1.62
C ASN B 53 -1.54 8.35 2.78
N PRO B 54 -0.39 9.00 2.54
CA PRO B 54 0.37 9.73 3.56
C PRO B 54 -0.38 10.93 4.13
N GLU B 55 -1.45 11.31 3.45
CA GLU B 55 -2.25 12.45 3.86
C GLU B 55 -3.16 12.08 5.04
N LYS B 56 -3.35 10.78 5.27
CA LYS B 56 -4.20 10.31 6.36
C LYS B 56 -3.45 10.38 7.69
N LYS B 57 -4.19 10.65 8.75
CA LYS B 57 -3.61 10.73 10.10
C LYS B 57 -3.16 9.37 10.58
N TRP B 58 -3.97 8.34 10.31
CA TRP B 58 -3.62 7.00 10.74
C TRP B 58 -2.40 6.48 9.97
N VAL B 59 -2.24 6.93 8.73
CA VAL B 59 -1.10 6.52 7.91
C VAL B 59 0.14 7.28 8.36
N ARG B 60 -0.05 8.53 8.77
CA ARG B 60 1.06 9.36 9.23
C ARG B 60 1.74 8.69 10.43
N GLU B 61 0.94 8.04 11.28
CA GLU B 61 1.47 7.36 12.45
C GLU B 61 2.32 6.18 12.01
N TYR B 62 1.84 5.48 10.98
CA TYR B 62 2.53 4.33 10.43
C TYR B 62 3.90 4.75 9.92
N ILE B 63 3.92 5.86 9.20
CA ILE B 63 5.16 6.40 8.65
C ILE B 63 6.06 6.95 9.76
N ASN B 64 5.45 7.68 10.70
CA ASN B 64 6.19 8.29 11.80
C ASN B 64 7.03 7.27 12.57
N SER B 65 6.45 6.10 12.83
CA SER B 65 7.17 5.05 13.58
C SER B 65 8.45 4.64 12.83
N LEU B 66 8.47 4.85 11.53
CA LEU B 66 9.62 4.54 10.70
C LEU B 66 10.58 5.73 10.66
N SER B 67 10.04 6.91 10.89
CA SER B 67 10.81 8.14 10.82
C SER B 67 11.67 8.39 12.06
N MET B 68 11.07 8.39 13.24
CA MET B 68 11.84 8.64 14.47
C MET B 68 11.82 7.43 15.39
N SER B 69 12.51 7.56 16.52
CA SER B 69 12.58 6.50 17.50
C SER B 69 11.36 6.53 18.43
N MET A 1 -18.61 -30.10 1.21
CA MET A 1 -18.68 -28.81 1.89
C MET A 1 -18.26 -27.69 0.94
N ASP A 2 -18.84 -26.52 1.14
CA ASP A 2 -18.55 -25.36 0.31
C ASP A 2 -17.42 -24.55 0.94
N TYR A 3 -16.37 -24.30 0.17
CA TYR A 3 -15.23 -23.53 0.67
C TYR A 3 -15.23 -22.13 0.07
N GLN A 4 -14.87 -21.14 0.88
CA GLN A 4 -14.83 -19.76 0.44
C GLN A 4 -13.43 -19.18 0.61
N VAL A 5 -12.42 -19.95 0.22
CA VAL A 5 -11.04 -19.52 0.31
C VAL A 5 -10.29 -19.87 -0.97
N SER A 6 -9.47 -18.94 -1.44
CA SER A 6 -8.71 -19.15 -2.67
C SER A 6 -7.22 -18.93 -2.45
N SER A 7 -6.73 -19.35 -1.27
CA SER A 7 -5.31 -19.23 -0.92
C SER A 7 -4.84 -17.77 -0.93
N PRO A 8 -5.03 -17.05 0.19
CA PRO A 8 -4.61 -15.66 0.32
C PRO A 8 -3.10 -15.53 0.50
N ILE A 9 -2.46 -14.73 -0.34
CA ILE A 9 -1.02 -14.52 -0.27
C ILE A 9 -0.67 -13.06 -0.51
N ASP A 11 -0.92 -10.81 -2.55
CA ASP A 11 -1.03 -10.42 -3.95
C ASP A 11 -2.47 -10.49 -4.46
N ILE A 12 -3.31 -11.26 -3.77
CA ILE A 12 -4.70 -11.38 -4.17
C ILE A 12 -5.59 -10.43 -3.32
N ASN A 13 -6.50 -10.97 -2.49
CA ASN A 13 -7.43 -10.18 -1.65
C ASN A 13 -6.85 -8.84 -1.18
N TYR A 15 -4.40 -6.92 -1.96
CA TYR A 15 -4.11 -5.87 -2.94
C TYR A 15 -5.09 -5.81 -4.11
N THR A 16 -6.31 -6.31 -3.91
CA THR A 16 -7.32 -6.28 -4.97
C THR A 16 -8.55 -5.48 -4.52
N SER A 17 -8.30 -4.38 -3.82
CA SER A 17 -9.39 -3.53 -3.33
C SER A 17 -9.72 -2.44 -4.35
N GLU A 18 -9.42 -2.71 -5.61
CA GLU A 18 -9.67 -1.76 -6.68
C GLU A 18 -11.17 -1.59 -6.96
N PRO A 19 -11.92 -2.69 -7.23
CA PRO A 19 -13.36 -2.59 -7.52
C PRO A 19 -14.17 -2.05 -6.35
N ALA A 20 -13.62 -2.15 -5.15
CA ALA A 20 -14.30 -1.68 -3.95
C ALA A 20 -13.95 -0.23 -3.64
N GLN A 21 -13.35 0.46 -4.60
CA GLN A 21 -12.98 1.85 -4.42
C GLN A 21 -13.86 2.76 -5.26
N LYS A 22 -14.39 3.81 -4.64
CA LYS A 22 -15.25 4.77 -5.30
C LYS A 22 -14.39 5.78 -6.08
N ILE A 23 -14.38 5.64 -7.40
CA ILE A 23 -13.60 6.52 -8.25
C ILE A 23 -14.48 7.57 -8.92
N ASN A 24 -14.55 8.74 -8.30
CA ASN A 24 -15.33 9.88 -8.79
C ASN A 24 -16.79 9.50 -9.01
N VAL A 25 -17.46 9.11 -7.92
CA VAL A 25 -18.87 8.74 -8.00
C VAL A 25 -19.67 9.52 -6.95
N LYS A 26 -20.78 10.10 -7.36
CA LYS A 26 -21.64 10.86 -6.47
C LYS A 26 -22.73 9.97 -5.89
N GLN A 27 -22.99 10.12 -4.60
CA GLN A 27 -24.02 9.33 -3.94
C GLN A 27 -24.61 10.11 -2.78
N SER B 2 12.00 -5.38 -4.08
CA SER B 2 12.35 -4.41 -5.11
C SER B 2 13.56 -3.59 -4.68
N PRO B 3 14.78 -4.05 -5.05
CA PRO B 3 16.02 -3.35 -4.70
C PRO B 3 16.31 -2.17 -5.62
N TYR B 4 15.62 -2.11 -6.74
CA TYR B 4 15.81 -1.04 -7.70
C TYR B 4 14.53 -0.22 -7.84
N SER B 5 14.66 1.09 -7.76
CA SER B 5 13.51 1.98 -7.89
C SER B 5 12.88 1.90 -9.27
N SER B 6 13.67 1.43 -10.25
CA SER B 6 13.22 1.28 -11.62
C SER B 6 12.01 0.36 -11.74
N ASP B 7 11.94 -0.62 -10.85
CA ASP B 7 10.85 -1.59 -10.83
C ASP B 7 9.55 -0.95 -10.33
N THR B 8 9.67 0.18 -9.64
CA THR B 8 8.51 0.88 -9.10
C THR B 8 8.43 2.29 -9.68
N THR B 9 7.68 2.44 -10.76
CA THR B 9 7.52 3.75 -11.41
C THR B 9 6.09 4.25 -11.29
N SER B 10 5.13 3.34 -11.44
CA SER B 10 3.73 3.67 -11.37
C SER B 10 3.33 4.04 -9.94
N CYS B 11 2.36 4.93 -9.81
CA CYS B 11 1.91 5.35 -8.49
C CYS B 11 0.65 4.57 -8.08
N CYS B 12 0.44 4.48 -6.78
CA CYS B 12 -0.71 3.76 -6.24
C CYS B 12 -1.98 4.58 -6.42
N PHE B 13 -2.95 4.01 -7.12
CA PHE B 13 -4.21 4.68 -7.37
C PHE B 13 -5.31 4.09 -6.49
N ALA B 14 -5.00 3.01 -5.79
CA ALA B 14 -5.97 2.34 -4.95
C ALA B 14 -5.41 2.09 -3.56
N TYR B 15 -6.29 1.66 -2.66
CA TYR B 15 -5.90 1.38 -1.28
C TYR B 15 -5.89 -0.12 -1.03
N ILE B 16 -5.20 -0.53 0.02
CA ILE B 16 -5.13 -1.92 0.38
C ILE B 16 -6.47 -2.36 0.99
N ALA B 17 -6.86 -3.59 0.72
CA ALA B 17 -8.12 -4.15 1.19
C ALA B 17 -8.29 -3.99 2.69
N ARG B 18 -7.23 -4.28 3.41
CA ARG B 18 -7.24 -4.21 4.86
C ARG B 18 -5.98 -3.51 5.37
N PRO B 19 -6.07 -2.81 6.51
CA PRO B 19 -4.91 -2.10 7.09
C PRO B 19 -3.81 -3.06 7.52
N LEU B 20 -2.64 -2.88 6.93
CA LEU B 20 -1.47 -3.71 7.22
C LEU B 20 -0.91 -3.45 8.61
N PRO B 21 -0.18 -4.43 9.18
CA PRO B 21 0.44 -4.29 10.50
C PRO B 21 1.70 -3.43 10.44
N ARG B 22 1.67 -2.32 11.16
CA ARG B 22 2.80 -1.39 11.19
C ARG B 22 4.05 -1.99 11.83
N ALA B 23 3.87 -3.03 12.62
CA ALA B 23 4.98 -3.67 13.31
C ALA B 23 5.83 -4.52 12.39
N HIS B 24 5.29 -4.91 11.23
CA HIS B 24 6.03 -5.71 10.27
C HIS B 24 6.60 -4.85 9.16
N ILE B 25 6.44 -3.54 9.32
CA ILE B 25 6.93 -2.57 8.35
C ILE B 25 8.37 -2.20 8.67
N LYS B 26 9.24 -2.28 7.67
CA LYS B 26 10.65 -1.97 7.86
C LYS B 26 10.93 -0.51 7.59
N GLU B 27 10.52 -0.04 6.42
CA GLU B 27 10.74 1.34 6.03
C GLU B 27 9.71 1.77 5.00
N TYR B 28 9.71 3.04 4.65
CA TYR B 28 8.76 3.57 3.68
C TYR B 28 9.46 4.35 2.58
N PHE B 29 8.73 4.61 1.51
CA PHE B 29 9.23 5.38 0.37
C PHE B 29 8.07 5.86 -0.49
N TYR B 30 8.27 7.00 -1.15
CA TYR B 30 7.24 7.58 -2.01
C TYR B 30 7.29 6.93 -3.39
N THR B 31 6.15 6.92 -4.06
CA THR B 31 6.04 6.35 -5.39
C THR B 31 6.83 7.14 -6.43
N SER B 32 6.35 8.32 -6.74
CA SER B 32 6.99 9.16 -7.73
C SER B 32 6.81 10.64 -7.39
N GLY B 33 5.67 10.99 -6.80
CA GLY B 33 5.43 12.38 -6.44
C GLY B 33 4.92 13.18 -7.62
N LYS B 34 5.36 12.80 -8.82
CA LYS B 34 4.97 13.45 -10.05
C LYS B 34 3.63 12.93 -10.55
N CYS B 35 3.06 11.99 -9.81
CA CYS B 35 1.77 11.40 -10.18
C CYS B 35 0.63 12.31 -9.74
N SER B 36 -0.59 11.91 -10.06
CA SER B 36 -1.77 12.70 -9.72
C SER B 36 -1.88 12.91 -8.21
N ASN B 37 -1.77 11.82 -7.46
CA ASN B 37 -1.87 11.89 -6.01
C ASN B 37 -0.63 11.28 -5.35
N PRO B 38 -0.18 11.86 -4.23
CA PRO B 38 0.98 11.35 -3.50
C PRO B 38 0.66 10.03 -2.79
N ALA B 39 1.62 9.12 -2.77
CA ALA B 39 1.42 7.83 -2.15
C ALA B 39 2.72 7.28 -1.61
N VAL B 40 2.63 6.64 -0.45
CA VAL B 40 3.80 6.07 0.19
C VAL B 40 3.64 4.55 0.31
N VAL B 41 4.68 3.83 -0.05
CA VAL B 41 4.66 2.37 0.00
C VAL B 41 5.32 1.86 1.27
N PHE B 42 4.70 0.88 1.90
CA PHE B 42 5.24 0.28 3.11
C PHE B 42 5.94 -1.03 2.79
N VAL B 43 7.16 -1.16 3.26
CA VAL B 43 7.95 -2.37 3.02
C VAL B 43 7.74 -3.39 4.14
N THR B 44 7.10 -4.51 3.80
CA THR B 44 6.85 -5.57 4.77
C THR B 44 8.11 -6.44 4.93
N ARG B 45 7.95 -7.58 5.59
CA ARG B 45 9.07 -8.49 5.84
C ARG B 45 9.58 -9.12 4.54
N LYS B 46 8.70 -9.23 3.55
CA LYS B 46 9.08 -9.82 2.27
C LYS B 46 9.05 -8.79 1.16
N ASN B 47 9.01 -7.52 1.54
CA ASN B 47 8.99 -6.42 0.58
C ASN B 47 7.74 -6.44 -0.29
N ARG B 48 6.59 -6.71 0.33
CA ARG B 48 5.32 -6.75 -0.38
C ARG B 48 4.88 -5.34 -0.81
N GLN B 49 4.01 -5.27 -1.81
CA GLN B 49 3.54 -3.98 -2.32
C GLN B 49 2.39 -3.44 -1.49
N VAL B 50 2.68 -2.45 -0.66
CA VAL B 50 1.66 -1.82 0.19
C VAL B 50 1.51 -0.35 -0.16
N CYS B 51 0.28 0.10 -0.36
CA CYS B 51 0.04 1.48 -0.71
C CYS B 51 -0.91 2.14 0.27
N ALA B 52 -0.45 3.24 0.87
CA ALA B 52 -1.25 3.99 1.81
C ALA B 52 -1.12 5.48 1.53
N ASN B 53 -2.19 6.22 1.78
CA ASN B 53 -2.22 7.66 1.54
C ASN B 53 -1.59 8.43 2.69
N PRO B 54 -0.46 9.12 2.41
CA PRO B 54 0.28 9.89 3.43
C PRO B 54 -0.51 11.10 3.94
N GLU B 55 -1.60 11.42 3.25
CA GLU B 55 -2.43 12.55 3.64
C GLU B 55 -3.35 12.17 4.80
N LYS B 56 -3.46 10.88 5.08
CA LYS B 56 -4.30 10.40 6.17
C LYS B 56 -3.59 10.57 7.51
N LYS B 57 -4.35 10.84 8.55
CA LYS B 57 -3.79 11.03 9.88
C LYS B 57 -3.28 9.70 10.44
N TRP B 58 -4.03 8.63 10.22
CA TRP B 58 -3.63 7.32 10.72
C TRP B 58 -2.39 6.79 9.98
N VAL B 59 -2.25 7.16 8.71
CA VAL B 59 -1.11 6.71 7.92
C VAL B 59 0.16 7.41 8.40
N ARG B 60 0.03 8.65 8.84
CA ARG B 60 1.17 9.40 9.33
C ARG B 60 1.74 8.70 10.57
N GLU B 61 0.86 8.06 11.33
CA GLU B 61 1.27 7.33 12.53
C GLU B 61 2.16 6.16 12.13
N TYR B 62 1.78 5.52 11.03
CA TYR B 62 2.51 4.38 10.50
C TYR B 62 3.91 4.79 10.09
N ILE B 63 4.00 5.90 9.39
CA ILE B 63 5.27 6.42 8.90
C ILE B 63 6.10 6.99 10.06
N ASN B 64 5.44 7.59 11.04
CA ASN B 64 6.12 8.16 12.21
C ASN B 64 6.97 7.13 12.95
N SER B 65 6.46 5.91 13.06
CA SER B 65 7.20 4.85 13.76
C SER B 65 8.48 4.48 13.01
N LEU B 66 8.51 4.77 11.72
CA LEU B 66 9.66 4.48 10.88
C LEU B 66 10.67 5.63 10.92
N SER B 67 10.21 6.82 11.29
CA SER B 67 11.06 7.99 11.35
C SER B 67 11.50 8.31 12.78
N MET B 68 10.59 8.18 13.72
CA MET B 68 10.90 8.46 15.12
C MET B 68 11.23 7.18 15.85
N SER B 69 11.85 7.31 17.02
CA SER B 69 12.24 6.17 17.83
C SER B 69 11.03 5.60 18.57
N MET A 1 -18.30 -30.10 2.08
CA MET A 1 -18.65 -28.78 2.62
C MET A 1 -18.31 -27.70 1.61
N ASP A 2 -18.80 -26.50 1.85
CA ASP A 2 -18.55 -25.37 0.95
C ASP A 2 -17.32 -24.61 1.42
N TYR A 3 -16.37 -24.41 0.53
CA TYR A 3 -15.15 -23.71 0.88
C TYR A 3 -15.10 -22.32 0.20
N GLN A 4 -15.13 -21.29 1.03
CA GLN A 4 -15.09 -19.91 0.52
C GLN A 4 -13.68 -19.34 0.65
N VAL A 5 -12.70 -20.22 0.64
CA VAL A 5 -11.31 -19.83 0.76
C VAL A 5 -10.54 -20.27 -0.49
N SER A 6 -9.63 -19.42 -0.95
CA SER A 6 -8.83 -19.73 -2.13
C SER A 6 -7.35 -19.43 -1.87
N SER A 7 -6.91 -19.72 -0.65
CA SER A 7 -5.52 -19.51 -0.22
C SER A 7 -5.01 -18.09 -0.53
N PRO A 8 -5.32 -17.12 0.36
CA PRO A 8 -4.90 -15.74 0.19
C PRO A 8 -3.44 -15.53 0.62
N ILE A 9 -2.66 -14.86 -0.21
CA ILE A 9 -1.25 -14.62 0.09
C ILE A 9 -0.83 -13.19 -0.26
N ASP A 11 -0.92 -11.06 -2.42
CA ASP A 11 -1.02 -10.75 -3.85
C ASP A 11 -2.47 -10.76 -4.34
N ILE A 12 -3.34 -11.42 -3.59
CA ILE A 12 -4.74 -11.51 -3.97
C ILE A 12 -5.58 -10.43 -3.26
N ASN A 13 -6.60 -10.84 -2.48
CA ASN A 13 -7.52 -9.93 -1.78
C ASN A 13 -6.86 -8.64 -1.29
N TYR A 15 -4.21 -6.92 -2.06
CA TYR A 15 -3.84 -5.92 -3.05
C TYR A 15 -4.74 -5.95 -4.29
N THR A 16 -6.02 -6.25 -4.12
CA THR A 16 -6.94 -6.26 -5.26
C THR A 16 -8.22 -5.48 -4.93
N SER A 17 -8.08 -4.41 -4.17
CA SER A 17 -9.21 -3.60 -3.78
C SER A 17 -9.53 -2.53 -4.84
N GLU A 18 -9.72 -2.99 -6.08
CA GLU A 18 -10.03 -2.08 -7.18
C GLU A 18 -11.55 -1.88 -7.35
N PRO A 19 -12.34 -2.97 -7.48
CA PRO A 19 -13.81 -2.84 -7.63
C PRO A 19 -14.51 -2.35 -6.37
N ALA A 20 -13.73 -2.01 -5.36
CA ALA A 20 -14.27 -1.52 -4.11
C ALA A 20 -13.89 -0.05 -3.91
N GLN A 21 -13.26 0.52 -4.94
CA GLN A 21 -12.84 1.90 -4.91
C GLN A 21 -13.88 2.80 -5.58
N LYS A 22 -14.24 3.88 -4.91
CA LYS A 22 -15.21 4.81 -5.45
C LYS A 22 -14.54 5.72 -6.47
N ILE A 23 -14.52 5.28 -7.72
CA ILE A 23 -13.88 6.04 -8.78
C ILE A 23 -14.81 7.09 -9.36
N ASN A 24 -14.76 8.29 -8.79
CA ASN A 24 -15.55 9.44 -9.24
C ASN A 24 -17.06 9.16 -9.20
N VAL A 25 -17.50 8.41 -8.21
CA VAL A 25 -18.92 8.09 -8.06
C VAL A 25 -19.52 8.94 -6.96
N LYS A 26 -20.65 9.56 -7.25
CA LYS A 26 -21.34 10.40 -6.28
C LYS A 26 -22.68 9.80 -5.93
N GLN A 27 -22.85 9.45 -4.66
CA GLN A 27 -24.11 8.87 -4.20
C GLN A 27 -24.58 9.57 -2.93
N SER B 2 12.68 -5.54 -3.39
CA SER B 2 13.38 -5.01 -4.55
C SER B 2 14.13 -3.73 -4.19
N PRO B 3 15.48 -3.80 -4.17
CA PRO B 3 16.32 -2.64 -3.85
C PRO B 3 16.38 -1.63 -4.98
N TYR B 4 15.98 -2.05 -6.18
CA TYR B 4 15.99 -1.19 -7.34
C TYR B 4 14.63 -0.53 -7.52
N SER B 5 14.60 0.79 -7.47
CA SER B 5 13.34 1.53 -7.62
C SER B 5 12.87 1.54 -9.07
N SER B 6 13.67 0.95 -9.95
CA SER B 6 13.35 0.85 -11.36
C SER B 6 12.03 0.10 -11.56
N ASP B 7 11.88 -0.97 -10.79
CA ASP B 7 10.68 -1.82 -10.83
C ASP B 7 9.43 -1.01 -10.46
N THR B 8 9.58 -0.12 -9.49
CA THR B 8 8.46 0.69 -9.04
C THR B 8 8.34 1.96 -9.87
N THR B 9 7.47 1.92 -10.87
CA THR B 9 7.26 3.07 -11.74
C THR B 9 5.80 3.53 -11.67
N SER B 10 4.88 2.57 -11.72
CA SER B 10 3.46 2.88 -11.66
C SER B 10 3.07 3.24 -10.24
N CYS B 11 2.35 4.34 -10.09
CA CYS B 11 1.92 4.80 -8.78
C CYS B 11 0.63 4.13 -8.35
N CYS B 12 0.47 3.97 -7.04
CA CYS B 12 -0.72 3.35 -6.46
C CYS B 12 -1.94 4.24 -6.67
N PHE B 13 -2.99 3.65 -7.21
CA PHE B 13 -4.24 4.37 -7.46
C PHE B 13 -5.36 3.79 -6.60
N ALA B 14 -4.99 2.89 -5.71
CA ALA B 14 -5.96 2.25 -4.85
C ALA B 14 -5.37 1.98 -3.48
N TYR B 15 -6.23 1.57 -2.55
CA TYR B 15 -5.81 1.27 -1.19
C TYR B 15 -5.85 -0.22 -0.94
N ILE B 16 -5.14 -0.67 0.08
CA ILE B 16 -5.12 -2.07 0.44
C ILE B 16 -6.47 -2.46 1.05
N ALA B 17 -6.85 -3.72 0.85
CA ALA B 17 -8.11 -4.25 1.37
C ALA B 17 -8.30 -3.87 2.84
N ARG B 18 -7.29 -4.17 3.64
CA ARG B 18 -7.32 -3.85 5.06
C ARG B 18 -5.98 -3.28 5.49
N PRO B 19 -5.95 -2.40 6.52
CA PRO B 19 -4.70 -1.80 7.01
C PRO B 19 -3.66 -2.86 7.38
N LEU B 20 -2.43 -2.65 6.93
CA LEU B 20 -1.36 -3.60 7.20
C LEU B 20 -0.76 -3.39 8.58
N PRO B 21 -0.09 -4.42 9.13
CA PRO B 21 0.55 -4.34 10.44
C PRO B 21 1.78 -3.45 10.41
N ARG B 22 1.73 -2.36 11.17
CA ARG B 22 2.84 -1.41 11.23
C ARG B 22 4.09 -2.03 11.85
N ALA B 23 3.89 -3.05 12.67
CA ALA B 23 5.01 -3.69 13.36
C ALA B 23 5.83 -4.58 12.44
N HIS B 24 5.29 -4.92 11.28
CA HIS B 24 6.01 -5.74 10.33
C HIS B 24 6.56 -4.88 9.19
N ILE B 25 6.42 -3.58 9.36
CA ILE B 25 6.90 -2.63 8.38
C ILE B 25 8.34 -2.23 8.71
N LYS B 26 9.22 -2.35 7.74
CA LYS B 26 10.62 -2.02 7.95
C LYS B 26 10.92 -0.57 7.57
N GLU B 27 10.47 -0.18 6.40
CA GLU B 27 10.73 1.17 5.90
C GLU B 27 9.63 1.61 4.93
N TYR B 28 9.71 2.87 4.50
CA TYR B 28 8.73 3.43 3.59
C TYR B 28 9.41 4.21 2.47
N PHE B 29 8.66 4.50 1.42
CA PHE B 29 9.16 5.28 0.30
C PHE B 29 7.99 5.80 -0.52
N TYR B 30 8.17 6.97 -1.12
CA TYR B 30 7.14 7.60 -1.94
C TYR B 30 7.17 7.00 -3.33
N THR B 31 6.01 7.01 -3.97
CA THR B 31 5.88 6.47 -5.32
C THR B 31 6.73 7.24 -6.32
N SER B 32 6.29 8.44 -6.63
CA SER B 32 6.98 9.29 -7.58
C SER B 32 6.74 10.76 -7.26
N GLY B 33 5.63 11.04 -6.57
CA GLY B 33 5.29 12.41 -6.22
C GLY B 33 4.69 13.18 -7.37
N LYS B 34 5.26 13.00 -8.56
CA LYS B 34 4.79 13.69 -9.76
C LYS B 34 3.47 13.10 -10.24
N CYS B 35 3.11 11.95 -9.67
CA CYS B 35 1.87 11.27 -10.01
C CYS B 35 0.65 12.11 -9.62
N SER B 36 -0.54 11.66 -10.03
CA SER B 36 -1.77 12.38 -9.73
C SER B 36 -1.93 12.63 -8.24
N ASN B 37 -1.81 11.57 -7.45
CA ASN B 37 -1.96 11.66 -6.01
C ASN B 37 -0.72 11.12 -5.31
N PRO B 38 -0.28 11.79 -4.23
CA PRO B 38 0.89 11.34 -3.47
C PRO B 38 0.59 10.06 -2.71
N ALA B 39 1.55 9.14 -2.69
CA ALA B 39 1.35 7.87 -2.01
C ALA B 39 2.67 7.33 -1.51
N VAL B 40 2.60 6.60 -0.41
CA VAL B 40 3.77 6.02 0.19
C VAL B 40 3.60 4.51 0.32
N VAL B 41 4.61 3.77 -0.10
CA VAL B 41 4.58 2.32 -0.04
C VAL B 41 5.26 1.80 1.21
N PHE B 42 4.59 0.88 1.90
CA PHE B 42 5.14 0.29 3.10
C PHE B 42 5.86 -1.01 2.77
N VAL B 43 7.05 -1.18 3.33
CA VAL B 43 7.85 -2.38 3.08
C VAL B 43 7.67 -3.41 4.19
N THR B 44 7.08 -4.55 3.83
CA THR B 44 6.85 -5.62 4.80
C THR B 44 8.11 -6.48 4.93
N ARG B 45 8.01 -7.58 5.66
CA ARG B 45 9.16 -8.46 5.88
C ARG B 45 9.64 -9.12 4.58
N LYS B 46 8.75 -9.24 3.60
CA LYS B 46 9.11 -9.85 2.32
C LYS B 46 9.10 -8.82 1.19
N ASN B 47 9.09 -7.55 1.57
CA ASN B 47 9.10 -6.45 0.61
C ASN B 47 7.85 -6.44 -0.26
N ARG B 48 6.70 -6.69 0.36
CA ARG B 48 5.44 -6.68 -0.36
C ARG B 48 5.06 -5.26 -0.76
N GLN B 49 4.24 -5.13 -1.79
CA GLN B 49 3.83 -3.82 -2.26
C GLN B 49 2.57 -3.34 -1.55
N VAL B 50 2.75 -2.43 -0.61
CA VAL B 50 1.66 -1.85 0.16
C VAL B 50 1.44 -0.40 -0.21
N CYS B 51 0.20 -0.02 -0.44
CA CYS B 51 -0.11 1.35 -0.83
C CYS B 51 -1.01 2.03 0.18
N ALA B 52 -0.55 3.15 0.72
CA ALA B 52 -1.32 3.92 1.68
C ALA B 52 -1.15 5.41 1.39
N ASN B 53 -2.16 6.19 1.74
CA ASN B 53 -2.14 7.63 1.51
C ASN B 53 -1.53 8.37 2.70
N PRO B 54 -0.39 9.02 2.50
CA PRO B 54 0.33 9.76 3.56
C PRO B 54 -0.42 11.00 4.04
N GLU B 55 -1.52 11.31 3.37
CA GLU B 55 -2.33 12.47 3.73
C GLU B 55 -3.31 12.11 4.84
N LYS B 56 -3.45 10.82 5.12
CA LYS B 56 -4.33 10.36 6.17
C LYS B 56 -3.63 10.50 7.52
N LYS B 57 -4.38 10.88 8.53
CA LYS B 57 -3.82 11.07 9.86
C LYS B 57 -3.35 9.74 10.47
N TRP B 58 -4.10 8.67 10.22
CA TRP B 58 -3.72 7.36 10.76
C TRP B 58 -2.50 6.80 10.03
N VAL B 59 -2.37 7.11 8.74
CA VAL B 59 -1.25 6.64 7.94
C VAL B 59 0.03 7.35 8.36
N ARG B 60 -0.09 8.63 8.72
CA ARG B 60 1.08 9.40 9.13
C ARG B 60 1.70 8.77 10.38
N GLU B 61 0.88 8.13 11.20
CA GLU B 61 1.34 7.48 12.41
C GLU B 61 2.17 6.24 12.04
N TYR B 62 1.76 5.60 10.95
CA TYR B 62 2.42 4.41 10.45
C TYR B 62 3.80 4.76 9.90
N ILE B 63 3.92 5.96 9.36
CA ILE B 63 5.18 6.44 8.82
C ILE B 63 6.07 7.00 9.94
N ASN B 64 5.43 7.63 10.93
CA ASN B 64 6.15 8.21 12.05
C ASN B 64 7.02 7.20 12.77
N SER B 65 6.50 6.00 12.99
CA SER B 65 7.26 4.94 13.68
C SER B 65 8.54 4.60 12.92
N LEU B 66 8.46 4.71 11.60
CA LEU B 66 9.60 4.44 10.72
C LEU B 66 10.54 5.64 10.70
N SER B 67 9.97 6.80 10.97
CA SER B 67 10.70 8.06 10.96
C SER B 67 11.49 8.29 12.24
N MET B 68 10.82 8.31 13.39
CA MET B 68 11.51 8.55 14.65
C MET B 68 11.22 7.47 15.67
N SER B 69 11.95 7.51 16.76
CA SER B 69 11.80 6.55 17.84
C SER B 69 10.88 7.09 18.93
N MET A 1 -22.66 -18.31 -6.95
CA MET A 1 -22.43 -17.15 -7.82
C MET A 1 -21.00 -16.63 -7.65
N ASP A 2 -20.49 -16.74 -6.43
CA ASP A 2 -19.14 -16.30 -6.12
C ASP A 2 -18.54 -17.16 -5.01
N TYR A 3 -17.25 -17.03 -4.80
CA TYR A 3 -16.57 -17.81 -3.78
C TYR A 3 -15.39 -17.04 -3.22
N GLN A 4 -15.18 -17.16 -1.92
CA GLN A 4 -14.08 -16.47 -1.26
C GLN A 4 -13.07 -17.49 -0.73
N VAL A 5 -11.81 -17.12 -0.74
CA VAL A 5 -10.76 -18.00 -0.25
C VAL A 5 -10.16 -17.41 1.03
N SER A 6 -10.13 -18.22 2.10
CA SER A 6 -9.60 -17.77 3.37
C SER A 6 -8.09 -18.07 3.46
N SER A 7 -7.45 -18.18 2.31
CA SER A 7 -6.03 -18.44 2.24
C SER A 7 -5.32 -17.28 1.55
N PRO A 8 -5.07 -16.19 2.28
CA PRO A 8 -4.39 -15.01 1.73
C PRO A 8 -2.88 -15.17 1.68
N ILE A 9 -2.27 -14.59 0.66
CA ILE A 9 -0.82 -14.65 0.50
C ILE A 9 -0.29 -13.24 0.24
N ASP A 11 0.09 -10.86 -1.73
CA ASP A 11 0.19 -10.43 -3.12
C ASP A 11 -1.14 -10.59 -3.86
N ILE A 12 -1.92 -11.58 -3.47
CA ILE A 12 -3.21 -11.80 -4.09
C ILE A 12 -4.31 -11.05 -3.34
N ASN A 13 -5.04 -11.73 -2.44
CA ASN A 13 -6.16 -11.15 -1.66
C ASN A 13 -5.99 -9.66 -1.35
N TYR A 15 -3.89 -7.31 -2.27
CA TYR A 15 -3.66 -6.38 -3.36
C TYR A 15 -4.50 -6.71 -4.59
N THR A 16 -5.58 -7.45 -4.41
CA THR A 16 -6.46 -7.80 -5.51
C THR A 16 -7.85 -7.22 -5.27
N SER A 17 -7.93 -6.26 -4.35
CA SER A 17 -9.17 -5.61 -4.00
C SER A 17 -9.78 -4.91 -5.21
N GLU A 18 -8.92 -4.52 -6.15
CA GLU A 18 -9.35 -3.85 -7.37
C GLU A 18 -8.95 -4.69 -8.59
N PRO A 19 -9.73 -5.72 -8.92
CA PRO A 19 -9.45 -6.60 -10.05
C PRO A 19 -9.58 -5.86 -11.39
N ALA A 20 -10.30 -4.75 -11.35
CA ALA A 20 -10.51 -3.95 -12.54
C ALA A 20 -9.39 -2.93 -12.76
N GLN A 21 -8.39 -2.98 -11.89
CA GLN A 21 -7.25 -2.06 -12.00
C GLN A 21 -5.95 -2.82 -12.20
N LYS A 22 -6.01 -4.15 -12.04
CA LYS A 22 -4.83 -4.97 -12.19
C LYS A 22 -5.09 -6.14 -13.12
N ILE A 23 -4.77 -5.96 -14.40
CA ILE A 23 -4.96 -7.01 -15.39
C ILE A 23 -3.62 -7.61 -15.80
N ASN A 24 -2.63 -7.40 -14.94
CA ASN A 24 -1.26 -7.89 -15.17
C ASN A 24 -0.60 -7.17 -16.34
N VAL A 25 0.16 -6.12 -16.03
CA VAL A 25 0.84 -5.35 -17.05
C VAL A 25 2.29 -5.81 -17.20
N LYS A 26 2.72 -6.64 -16.26
CA LYS A 26 4.08 -7.18 -16.24
C LYS A 26 5.10 -6.05 -16.19
N GLN A 27 5.09 -5.30 -15.10
CA GLN A 27 6.01 -4.17 -14.90
C GLN A 27 5.85 -3.13 -16.01
N SER B 2 20.32 -0.80 -14.38
CA SER B 2 18.92 -1.23 -14.50
C SER B 2 18.27 -0.56 -15.71
N PRO B 3 17.41 -1.31 -16.43
CA PRO B 3 16.69 -0.77 -17.58
C PRO B 3 15.61 0.22 -17.15
N TYR B 4 15.08 0.01 -15.95
CA TYR B 4 14.07 0.88 -15.39
C TYR B 4 14.71 1.94 -14.50
N SER B 5 14.13 3.13 -14.47
CA SER B 5 14.66 4.21 -13.65
C SER B 5 14.36 3.93 -12.17
N SER B 6 13.20 3.33 -11.92
CA SER B 6 12.78 3.00 -10.58
C SER B 6 12.28 1.55 -10.55
N ASP B 7 11.78 1.11 -9.41
CA ASP B 7 11.27 -0.25 -9.31
C ASP B 7 9.83 -0.31 -9.78
N THR B 8 9.09 0.74 -9.47
CA THR B 8 7.69 0.83 -9.86
C THR B 8 7.39 2.18 -10.50
N THR B 9 7.07 2.17 -11.79
CA THR B 9 6.76 3.40 -12.51
C THR B 9 5.35 3.88 -12.15
N SER B 10 4.40 2.96 -12.12
CA SER B 10 3.03 3.28 -11.80
C SER B 10 2.92 3.59 -10.31
N CYS B 11 2.14 4.60 -9.97
CA CYS B 11 1.94 4.97 -8.60
C CYS B 11 0.66 4.33 -8.06
N CYS B 12 0.58 4.16 -6.76
CA CYS B 12 -0.59 3.56 -6.14
C CYS B 12 -1.80 4.50 -6.26
N PHE B 13 -2.85 4.00 -6.86
CA PHE B 13 -4.08 4.76 -7.01
C PHE B 13 -5.20 4.09 -6.24
N ALA B 14 -4.83 3.07 -5.47
CA ALA B 14 -5.79 2.32 -4.68
C ALA B 14 -5.23 2.00 -3.30
N TYR B 15 -6.07 1.45 -2.44
CA TYR B 15 -5.69 1.11 -1.09
C TYR B 15 -5.72 -0.41 -0.92
N ILE B 16 -5.05 -0.89 0.11
CA ILE B 16 -5.01 -2.32 0.38
C ILE B 16 -6.37 -2.79 0.89
N ALA B 17 -6.71 -4.02 0.55
CA ALA B 17 -7.97 -4.63 0.96
C ALA B 17 -8.16 -4.53 2.47
N ARG B 18 -7.11 -4.90 3.19
CA ARG B 18 -7.11 -4.90 4.64
C ARG B 18 -6.02 -3.98 5.18
N PRO B 19 -6.22 -3.39 6.37
CA PRO B 19 -5.21 -2.51 6.97
C PRO B 19 -3.96 -3.30 7.34
N LEU B 20 -2.84 -2.94 6.73
CA LEU B 20 -1.59 -3.63 6.96
C LEU B 20 -1.00 -3.30 8.32
N PRO B 21 -0.29 -4.27 8.95
CA PRO B 21 0.32 -4.08 10.27
C PRO B 21 1.60 -3.24 10.21
N ARG B 22 1.61 -2.14 10.94
CA ARG B 22 2.76 -1.25 10.98
C ARG B 22 3.95 -1.90 11.69
N ALA B 23 3.66 -2.93 12.48
CA ALA B 23 4.70 -3.62 13.24
C ALA B 23 5.56 -4.54 12.37
N HIS B 24 5.09 -4.86 11.17
CA HIS B 24 5.85 -5.73 10.28
C HIS B 24 6.48 -4.91 9.17
N ILE B 25 6.48 -3.60 9.35
CA ILE B 25 7.04 -2.68 8.38
C ILE B 25 8.47 -2.30 8.75
N LYS B 26 9.35 -2.35 7.77
CA LYS B 26 10.76 -2.02 7.98
C LYS B 26 11.03 -0.54 7.71
N GLU B 27 10.61 -0.09 6.54
CA GLU B 27 10.79 1.30 6.14
C GLU B 27 9.75 1.70 5.12
N TYR B 28 9.75 2.97 4.74
CA TYR B 28 8.79 3.49 3.79
C TYR B 28 9.48 4.29 2.69
N PHE B 29 8.74 4.57 1.62
CA PHE B 29 9.23 5.38 0.51
C PHE B 29 8.05 5.85 -0.33
N TYR B 30 8.20 7.01 -0.95
CA TYR B 30 7.15 7.58 -1.78
C TYR B 30 7.16 6.96 -3.17
N THR B 31 6.03 7.04 -3.85
CA THR B 31 5.91 6.48 -5.18
C THR B 31 6.51 7.40 -6.23
N SER B 32 5.80 8.48 -6.54
CA SER B 32 6.25 9.43 -7.52
C SER B 32 5.60 10.78 -7.30
N GLY B 33 6.37 11.84 -7.49
CA GLY B 33 5.82 13.17 -7.35
C GLY B 33 5.01 13.56 -8.56
N LYS B 34 5.23 12.84 -9.65
CA LYS B 34 4.53 13.08 -10.90
C LYS B 34 3.15 12.42 -10.86
N CYS B 35 2.88 11.67 -9.80
CA CYS B 35 1.60 11.00 -9.64
C CYS B 35 0.50 12.03 -9.34
N SER B 36 -0.74 11.64 -9.54
CA SER B 36 -1.86 12.51 -9.29
C SER B 36 -1.94 12.84 -7.80
N ASN B 37 -1.97 11.81 -6.97
CA ASN B 37 -2.02 11.98 -5.53
C ASN B 37 -0.82 11.29 -4.89
N PRO B 38 -0.23 11.91 -3.86
CA PRO B 38 0.95 11.34 -3.16
C PRO B 38 0.63 10.00 -2.51
N ALA B 39 1.58 9.08 -2.57
CA ALA B 39 1.39 7.76 -1.98
C ALA B 39 2.69 7.23 -1.42
N VAL B 40 2.60 6.56 -0.28
CA VAL B 40 3.76 6.00 0.38
C VAL B 40 3.65 4.48 0.44
N VAL B 41 4.72 3.80 0.07
CA VAL B 41 4.74 2.35 0.10
C VAL B 41 5.42 1.84 1.36
N PHE B 42 4.78 0.90 2.01
CA PHE B 42 5.31 0.30 3.22
C PHE B 42 6.02 -1.01 2.88
N VAL B 43 7.23 -1.16 3.38
CA VAL B 43 8.02 -2.36 3.14
C VAL B 43 7.80 -3.38 4.24
N THR B 44 7.17 -4.51 3.89
CA THR B 44 6.91 -5.56 4.85
C THR B 44 8.18 -6.42 5.06
N ARG B 45 8.03 -7.53 5.75
CA ARG B 45 9.15 -8.42 6.03
C ARG B 45 9.68 -9.08 4.75
N LYS B 46 8.82 -9.22 3.76
CA LYS B 46 9.20 -9.84 2.50
C LYS B 46 9.19 -8.85 1.35
N ASN B 47 9.16 -7.57 1.69
CA ASN B 47 9.17 -6.48 0.69
C ASN B 47 7.95 -6.53 -0.23
N ARG B 48 6.77 -6.65 0.37
CA ARG B 48 5.54 -6.68 -0.40
C ARG B 48 5.18 -5.27 -0.86
N GLN B 49 4.32 -5.17 -1.87
CA GLN B 49 3.91 -3.87 -2.38
C GLN B 49 2.67 -3.36 -1.64
N VAL B 50 2.89 -2.43 -0.74
CA VAL B 50 1.81 -1.84 0.05
C VAL B 50 1.58 -0.40 -0.36
N CYS B 51 0.32 0.01 -0.40
CA CYS B 51 -0.03 1.36 -0.80
C CYS B 51 -0.85 2.05 0.28
N ALA B 52 -0.37 3.19 0.76
CA ALA B 52 -1.07 3.95 1.77
C ALA B 52 -0.97 5.44 1.48
N ASN B 53 -2.06 6.16 1.72
CA ASN B 53 -2.10 7.59 1.49
C ASN B 53 -1.55 8.36 2.69
N PRO B 54 -0.42 9.05 2.50
CA PRO B 54 0.26 9.80 3.57
C PRO B 54 -0.56 10.99 4.08
N GLU B 55 -1.62 11.33 3.36
CA GLU B 55 -2.46 12.44 3.72
C GLU B 55 -3.40 12.04 4.86
N LYS B 56 -3.52 10.74 5.09
CA LYS B 56 -4.38 10.24 6.16
C LYS B 56 -3.66 10.37 7.49
N LYS B 57 -4.41 10.76 8.52
CA LYS B 57 -3.83 10.94 9.86
C LYS B 57 -3.32 9.62 10.43
N TRP B 58 -4.09 8.56 10.23
CA TRP B 58 -3.69 7.25 10.73
C TRP B 58 -2.46 6.72 9.99
N VAL B 59 -2.39 6.98 8.68
CA VAL B 59 -1.26 6.51 7.89
C VAL B 59 0.02 7.22 8.27
N ARG B 60 -0.09 8.52 8.59
CA ARG B 60 1.08 9.28 8.99
C ARG B 60 1.71 8.65 10.23
N GLU B 61 0.89 8.16 11.15
CA GLU B 61 1.36 7.54 12.37
C GLU B 61 2.04 6.21 12.05
N TYR B 62 1.60 5.57 10.99
CA TYR B 62 2.20 4.32 10.55
C TYR B 62 3.63 4.60 10.10
N ILE B 63 3.82 5.79 9.55
CA ILE B 63 5.12 6.23 9.11
C ILE B 63 5.95 6.69 10.31
N ASN B 64 5.27 7.20 11.33
CA ASN B 64 5.95 7.68 12.54
C ASN B 64 6.67 6.52 13.23
N SER B 65 6.05 5.35 13.22
CA SER B 65 6.66 4.17 13.84
C SER B 65 7.98 3.83 13.15
N LEU B 66 8.12 4.30 11.91
CA LEU B 66 9.33 4.09 11.14
C LEU B 66 10.30 5.24 11.36
N SER B 67 9.77 6.43 11.62
CA SER B 67 10.59 7.60 11.83
C SER B 67 9.92 8.63 12.74
N MET B 68 9.86 8.28 14.03
CA MET B 68 9.31 9.06 15.16
C MET B 68 7.99 9.78 14.91
N SER B 69 7.41 10.30 15.98
CA SER B 69 6.15 11.02 15.89
C SER B 69 6.37 12.47 15.52
N MET A 1 -18.28 -12.86 11.28
CA MET A 1 -17.10 -13.27 10.53
C MET A 1 -16.75 -14.72 10.81
N ASP A 2 -16.05 -15.35 9.88
CA ASP A 2 -15.65 -16.74 10.05
C ASP A 2 -14.28 -16.84 10.71
N TYR A 3 -13.67 -15.67 10.93
CA TYR A 3 -12.36 -15.57 11.59
C TYR A 3 -11.28 -16.33 10.81
N GLN A 4 -10.72 -15.65 9.82
CA GLN A 4 -9.68 -16.23 8.99
C GLN A 4 -8.31 -16.03 9.63
N VAL A 5 -7.50 -17.08 9.66
CA VAL A 5 -6.16 -17.00 10.24
C VAL A 5 -5.11 -17.16 9.15
N SER A 6 -4.52 -16.04 8.71
CA SER A 6 -3.51 -16.03 7.68
C SER A 6 -4.00 -16.73 6.40
N SER A 7 -5.24 -16.45 6.03
CA SER A 7 -5.84 -17.04 4.84
C SER A 7 -5.29 -16.41 3.55
N PRO A 8 -5.31 -15.06 3.42
CA PRO A 8 -4.79 -14.40 2.21
C PRO A 8 -3.28 -14.55 2.08
N ILE A 9 -2.80 -14.50 0.84
CA ILE A 9 -1.38 -14.63 0.56
C ILE A 9 -0.82 -13.27 0.11
N ASP A 11 -0.76 -11.47 -2.27
CA ASP A 11 -0.75 -11.34 -3.73
C ASP A 11 -2.15 -11.17 -4.31
N ILE A 12 -3.14 -11.74 -3.65
CA ILE A 12 -4.51 -11.64 -4.13
C ILE A 12 -5.32 -10.61 -3.33
N ASN A 13 -6.39 -11.04 -2.63
CA ASN A 13 -7.30 -10.19 -1.83
C ASN A 13 -6.67 -8.85 -1.40
N TYR A 15 -4.07 -6.95 -2.15
CA TYR A 15 -3.76 -5.92 -3.13
C TYR A 15 -4.66 -5.97 -4.36
N THR A 16 -5.75 -6.71 -4.28
CA THR A 16 -6.67 -6.82 -5.40
C THR A 16 -8.13 -6.60 -4.97
N SER A 17 -8.31 -6.01 -3.78
CA SER A 17 -9.65 -5.76 -3.27
C SER A 17 -10.27 -4.51 -3.89
N GLU A 18 -10.16 -4.41 -5.21
CA GLU A 18 -10.72 -3.28 -5.95
C GLU A 18 -11.31 -3.70 -7.31
N PRO A 19 -11.96 -4.90 -7.42
CA PRO A 19 -12.52 -5.34 -8.70
C PRO A 19 -13.70 -4.47 -9.10
N ALA A 20 -13.48 -3.63 -10.11
CA ALA A 20 -14.51 -2.72 -10.58
C ALA A 20 -14.89 -1.74 -9.47
N GLN A 21 -13.88 -1.38 -8.67
CA GLN A 21 -14.05 -0.47 -7.55
C GLN A 21 -14.88 0.75 -7.92
N LYS A 22 -15.93 0.99 -7.15
CA LYS A 22 -16.82 2.11 -7.38
C LYS A 22 -16.19 3.39 -6.87
N ILE A 23 -16.22 4.43 -7.69
CA ILE A 23 -15.64 5.72 -7.31
C ILE A 23 -16.75 6.75 -7.21
N ASN A 24 -16.40 8.01 -7.48
CA ASN A 24 -17.34 9.12 -7.44
C ASN A 24 -17.91 9.32 -6.03
N VAL A 25 -17.11 8.94 -5.02
CA VAL A 25 -17.49 9.05 -3.61
C VAL A 25 -18.57 8.03 -3.25
N LYS A 26 -18.55 7.56 -2.00
CA LYS A 26 -19.52 6.58 -1.52
C LYS A 26 -20.86 7.24 -1.18
N GLN A 27 -21.23 8.26 -1.95
CA GLN A 27 -22.47 8.98 -1.72
C GLN A 27 -23.41 8.84 -2.91
N SER B 2 13.09 -8.23 -22.55
CA SER B 2 12.04 -7.71 -21.70
C SER B 2 12.56 -6.55 -20.85
N PRO B 3 11.89 -5.39 -20.89
CA PRO B 3 12.29 -4.22 -20.12
C PRO B 3 11.94 -4.37 -18.64
N TYR B 4 10.98 -5.26 -18.37
CA TYR B 4 10.51 -5.54 -17.00
C TYR B 4 9.76 -4.36 -16.40
N SER B 5 8.95 -4.63 -15.39
CA SER B 5 8.18 -3.59 -14.74
C SER B 5 9.01 -2.88 -13.69
N SER B 6 10.17 -3.46 -13.38
CA SER B 6 11.08 -2.91 -12.40
C SER B 6 11.59 -1.54 -12.84
N ASP B 7 11.88 -1.43 -14.12
CA ASP B 7 12.38 -0.20 -14.72
C ASP B 7 11.41 0.96 -14.57
N THR B 8 10.12 0.65 -14.61
CA THR B 8 9.09 1.66 -14.48
C THR B 8 8.77 1.96 -13.02
N THR B 9 8.38 3.19 -12.74
CA THR B 9 8.04 3.60 -11.39
C THR B 9 6.59 4.07 -11.35
N SER B 10 5.69 3.12 -11.29
CA SER B 10 4.27 3.43 -11.27
C SER B 10 3.84 3.87 -9.87
N CYS B 11 2.82 4.70 -9.80
CA CYS B 11 2.31 5.18 -8.53
C CYS B 11 1.04 4.44 -8.14
N CYS B 12 0.76 4.38 -6.84
CA CYS B 12 -0.41 3.68 -6.34
C CYS B 12 -1.70 4.41 -6.71
N PHE B 13 -2.66 3.67 -7.25
CA PHE B 13 -3.95 4.23 -7.62
C PHE B 13 -5.07 3.62 -6.79
N ALA B 14 -4.72 2.70 -5.89
CA ALA B 14 -5.70 2.04 -5.04
C ALA B 14 -5.15 1.83 -3.64
N TYR B 15 -6.03 1.41 -2.74
CA TYR B 15 -5.66 1.16 -1.35
C TYR B 15 -5.72 -0.32 -1.05
N ILE B 16 -5.05 -0.73 0.02
CA ILE B 16 -5.03 -2.13 0.41
C ILE B 16 -6.36 -2.54 1.04
N ALA B 17 -6.68 -3.81 0.87
CA ALA B 17 -7.90 -4.41 1.42
C ALA B 17 -8.13 -4.00 2.87
N ARG B 18 -7.13 -4.28 3.69
CA ARG B 18 -7.18 -3.97 5.11
C ARG B 18 -5.89 -3.28 5.53
N PRO B 19 -5.91 -2.52 6.63
CA PRO B 19 -4.72 -1.83 7.13
C PRO B 19 -3.62 -2.81 7.53
N LEU B 20 -2.50 -2.75 6.83
CA LEU B 20 -1.37 -3.65 7.10
C LEU B 20 -0.76 -3.35 8.47
N PRO B 21 -0.09 -4.33 9.09
CA PRO B 21 0.53 -4.15 10.39
C PRO B 21 1.79 -3.30 10.29
N ARG B 22 1.77 -2.15 10.93
CA ARG B 22 2.91 -1.23 10.92
C ARG B 22 4.12 -1.84 11.65
N ALA B 23 3.87 -2.85 12.47
CA ALA B 23 4.93 -3.50 13.23
C ALA B 23 5.81 -4.40 12.36
N HIS B 24 5.28 -4.83 11.23
CA HIS B 24 6.04 -5.70 10.34
C HIS B 24 6.65 -4.91 9.21
N ILE B 25 6.52 -3.60 9.30
CA ILE B 25 7.05 -2.71 8.29
C ILE B 25 8.47 -2.30 8.66
N LYS B 26 9.36 -2.38 7.68
CA LYS B 26 10.77 -2.03 7.90
C LYS B 26 11.02 -0.56 7.59
N GLU B 27 10.61 -0.13 6.42
CA GLU B 27 10.81 1.25 5.99
C GLU B 27 9.73 1.67 5.00
N TYR B 28 9.75 2.95 4.63
CA TYR B 28 8.78 3.50 3.69
C TYR B 28 9.46 4.33 2.61
N PHE B 29 8.69 4.67 1.58
CA PHE B 29 9.19 5.49 0.48
C PHE B 29 8.02 6.04 -0.33
N TYR B 30 8.20 7.22 -0.90
CA TYR B 30 7.17 7.88 -1.71
C TYR B 30 7.18 7.31 -3.13
N THR B 31 6.01 7.29 -3.75
CA THR B 31 5.87 6.78 -5.10
C THR B 31 6.43 7.72 -6.15
N SER B 32 5.62 8.69 -6.55
CA SER B 32 5.99 9.64 -7.56
C SER B 32 5.24 10.95 -7.36
N GLY B 33 5.97 12.06 -7.43
CA GLY B 33 5.35 13.36 -7.27
C GLY B 33 4.57 13.78 -8.51
N LYS B 34 4.82 13.09 -9.61
CA LYS B 34 4.14 13.36 -10.88
C LYS B 34 2.77 12.69 -10.93
N CYS B 35 2.44 11.95 -9.88
CA CYS B 35 1.17 11.25 -9.81
C CYS B 35 0.05 12.19 -9.35
N SER B 36 -1.19 11.79 -9.58
CA SER B 36 -2.34 12.60 -9.19
C SER B 36 -2.34 12.84 -7.69
N ASN B 37 -2.23 11.77 -6.92
CA ASN B 37 -2.22 11.85 -5.47
C ASN B 37 -0.94 11.23 -4.91
N PRO B 38 -0.39 11.80 -3.84
CA PRO B 38 0.82 11.27 -3.22
C PRO B 38 0.54 9.96 -2.47
N ALA B 39 1.50 9.06 -2.49
CA ALA B 39 1.35 7.78 -1.82
C ALA B 39 2.69 7.30 -1.31
N VAL B 40 2.65 6.56 -0.22
CA VAL B 40 3.85 6.03 0.37
C VAL B 40 3.73 4.52 0.51
N VAL B 41 4.75 3.81 0.03
CA VAL B 41 4.73 2.35 0.07
C VAL B 41 5.37 1.84 1.35
N PHE B 42 4.74 0.85 1.96
CA PHE B 42 5.25 0.24 3.17
C PHE B 42 5.94 -1.08 2.85
N VAL B 43 7.17 -1.22 3.34
CA VAL B 43 7.96 -2.42 3.09
C VAL B 43 7.79 -3.42 4.23
N THR B 44 7.17 -4.56 3.90
CA THR B 44 6.95 -5.61 4.88
C THR B 44 8.21 -6.47 5.08
N ARG B 45 8.07 -7.62 5.77
CA ARG B 45 9.20 -8.49 6.04
C ARG B 45 9.73 -9.15 4.77
N LYS B 46 8.86 -9.29 3.77
CA LYS B 46 9.25 -9.91 2.50
C LYS B 46 9.26 -8.90 1.37
N ASN B 47 9.18 -7.62 1.74
CA ASN B 47 9.24 -6.52 0.78
C ASN B 47 8.02 -6.54 -0.15
N ARG B 48 6.84 -6.66 0.44
CA ARG B 48 5.60 -6.66 -0.32
C ARG B 48 5.23 -5.25 -0.74
N GLN B 49 4.43 -5.13 -1.78
CA GLN B 49 4.01 -3.83 -2.28
C GLN B 49 2.74 -3.36 -1.57
N VAL B 50 2.91 -2.45 -0.63
CA VAL B 50 1.80 -1.89 0.14
C VAL B 50 1.59 -0.43 -0.23
N CYS B 51 0.34 -0.05 -0.47
CA CYS B 51 0.03 1.31 -0.85
C CYS B 51 -0.88 1.97 0.18
N ALA B 52 -0.44 3.09 0.73
CA ALA B 52 -1.22 3.85 1.70
C ALA B 52 -1.06 5.34 1.44
N ASN B 53 -2.04 6.12 1.83
CA ASN B 53 -2.03 7.56 1.62
C ASN B 53 -1.47 8.28 2.84
N PRO B 54 -0.30 8.93 2.70
CA PRO B 54 0.38 9.63 3.80
C PRO B 54 -0.38 10.85 4.29
N GLU B 55 -1.39 11.25 3.54
CA GLU B 55 -2.21 12.41 3.91
C GLU B 55 -3.18 12.04 5.04
N LYS B 56 -3.38 10.74 5.24
CA LYS B 56 -4.27 10.28 6.29
C LYS B 56 -3.58 10.36 7.64
N LYS B 57 -4.34 10.66 8.68
CA LYS B 57 -3.79 10.78 10.02
C LYS B 57 -3.29 9.44 10.55
N TRP B 58 -4.07 8.38 10.34
CA TRP B 58 -3.69 7.06 10.80
C TRP B 58 -2.48 6.52 10.03
N VAL B 59 -2.38 6.87 8.75
CA VAL B 59 -1.27 6.41 7.91
C VAL B 59 0.03 7.11 8.31
N ARG B 60 -0.05 8.39 8.64
CA ARG B 60 1.13 9.14 9.04
C ARG B 60 1.75 8.52 10.30
N GLU B 61 0.90 7.98 11.17
CA GLU B 61 1.36 7.34 12.39
C GLU B 61 2.09 6.04 12.04
N TYR B 62 1.61 5.39 10.97
CA TYR B 62 2.22 4.16 10.49
C TYR B 62 3.65 4.45 10.03
N ILE B 63 3.84 5.64 9.49
CA ILE B 63 5.15 6.07 9.02
C ILE B 63 6.02 6.48 10.21
N ASN B 64 5.37 7.02 11.24
CA ASN B 64 6.07 7.46 12.45
C ASN B 64 6.70 6.28 13.18
N SER B 65 6.08 5.10 13.08
CA SER B 65 6.62 3.91 13.74
C SER B 65 7.95 3.52 13.09
N LEU B 66 8.16 4.03 11.89
CA LEU B 66 9.38 3.80 11.15
C LEU B 66 10.40 4.88 11.49
N SER B 67 9.91 6.12 11.59
CA SER B 67 10.77 7.25 11.91
C SER B 67 10.05 8.30 12.77
N MET B 68 9.91 7.96 14.06
CA MET B 68 9.32 8.76 15.15
C MET B 68 8.07 9.56 14.81
N SER B 69 7.46 10.12 15.86
CA SER B 69 6.26 10.93 15.71
C SER B 69 6.59 12.36 15.31
N MET A 1 -18.06 -12.09 11.51
CA MET A 1 -17.11 -12.80 10.65
C MET A 1 -16.78 -14.15 11.24
N ASP A 2 -16.03 -14.96 10.49
CA ASP A 2 -15.64 -16.28 10.96
C ASP A 2 -14.22 -16.23 11.53
N TYR A 3 -13.57 -15.07 11.37
CA TYR A 3 -12.23 -14.82 11.86
C TYR A 3 -11.22 -15.79 11.26
N GLN A 4 -10.70 -15.45 10.10
CA GLN A 4 -9.72 -16.29 9.43
C GLN A 4 -8.31 -15.89 9.85
N VAL A 5 -7.45 -16.87 10.05
CA VAL A 5 -6.08 -16.60 10.47
C VAL A 5 -5.08 -17.01 9.38
N SER A 6 -4.29 -16.03 8.92
CA SER A 6 -3.26 -16.24 7.91
C SER A 6 -3.80 -16.89 6.63
N SER A 7 -5.04 -16.57 6.27
CA SER A 7 -5.64 -17.12 5.06
C SER A 7 -5.10 -16.42 3.80
N PRO A 8 -5.07 -15.06 3.75
CA PRO A 8 -4.55 -14.33 2.59
C PRO A 8 -3.02 -14.45 2.46
N ILE A 9 -2.54 -14.46 1.22
CA ILE A 9 -1.11 -14.57 0.96
C ILE A 9 -0.57 -13.27 0.37
N ASP A 11 -0.71 -11.81 -2.23
CA ASP A 11 -0.71 -11.82 -3.70
C ASP A 11 -2.10 -11.69 -4.30
N ILE A 12 -3.14 -11.94 -3.51
CA ILE A 12 -4.50 -11.84 -4.01
C ILE A 12 -5.26 -10.68 -3.35
N ASN A 13 -6.42 -10.96 -2.73
CA ASN A 13 -7.29 -9.96 -2.08
C ASN A 13 -6.56 -8.71 -1.64
N TYR A 15 -3.95 -6.92 -2.29
CA TYR A 15 -3.60 -5.86 -3.25
C TYR A 15 -4.48 -5.87 -4.50
N THR A 16 -5.67 -6.45 -4.41
CA THR A 16 -6.59 -6.48 -5.54
C THR A 16 -8.04 -6.61 -5.07
N SER A 17 -8.32 -6.01 -3.93
CA SER A 17 -9.66 -6.04 -3.35
C SER A 17 -10.57 -4.95 -3.90
N GLU A 18 -10.25 -4.46 -5.09
CA GLU A 18 -11.05 -3.42 -5.72
C GLU A 18 -11.44 -3.78 -7.17
N PRO A 19 -11.86 -5.03 -7.45
CA PRO A 19 -12.23 -5.43 -8.82
C PRO A 19 -13.52 -4.77 -9.25
N ALA A 20 -13.39 -3.81 -10.17
CA ALA A 20 -14.53 -3.05 -10.68
C ALA A 20 -15.14 -2.20 -9.59
N GLN A 21 -14.31 -1.80 -8.63
CA GLN A 21 -14.75 -0.96 -7.53
C GLN A 21 -15.32 0.35 -8.07
N LYS A 22 -16.43 0.79 -7.52
CA LYS A 22 -17.07 2.01 -7.96
C LYS A 22 -16.38 3.23 -7.38
N ILE A 23 -16.66 4.39 -7.96
CA ILE A 23 -16.08 5.64 -7.54
C ILE A 23 -17.19 6.68 -7.32
N ASN A 24 -16.91 7.93 -7.69
CA ASN A 24 -17.88 9.03 -7.56
C ASN A 24 -18.26 9.28 -6.10
N VAL A 25 -17.30 9.07 -5.20
CA VAL A 25 -17.50 9.27 -3.77
C VAL A 25 -18.45 8.21 -3.20
N LYS A 26 -18.24 7.84 -1.94
CA LYS A 26 -19.06 6.84 -1.28
C LYS A 26 -20.38 7.44 -0.79
N GLN A 27 -21.09 8.11 -1.70
CA GLN A 27 -22.36 8.74 -1.37
C GLN A 27 -23.36 8.54 -2.52
N SER B 2 12.60 -8.22 -22.99
CA SER B 2 11.98 -8.00 -21.69
C SER B 2 12.47 -6.68 -21.08
N PRO B 3 11.60 -5.66 -21.05
CA PRO B 3 11.94 -4.35 -20.49
C PRO B 3 11.96 -4.36 -18.96
N TYR B 4 11.22 -5.32 -18.37
CA TYR B 4 11.12 -5.49 -16.92
C TYR B 4 10.29 -4.38 -16.28
N SER B 5 9.37 -4.77 -15.40
CA SER B 5 8.52 -3.83 -14.71
C SER B 5 9.25 -3.18 -13.54
N SER B 6 10.45 -3.67 -13.27
CA SER B 6 11.28 -3.16 -12.20
C SER B 6 11.88 -1.81 -12.58
N ASP B 7 12.21 -1.67 -13.85
CA ASP B 7 12.81 -0.44 -14.35
C ASP B 7 11.78 0.69 -14.32
N THR B 8 10.52 0.34 -14.53
CA THR B 8 9.45 1.31 -14.51
C THR B 8 9.03 1.59 -13.07
N THR B 9 8.42 2.76 -12.86
CA THR B 9 8.00 3.15 -11.53
C THR B 9 6.54 3.56 -11.56
N SER B 10 5.68 2.66 -11.14
CA SER B 10 4.26 2.92 -11.13
C SER B 10 3.81 3.40 -9.76
N CYS B 11 2.97 4.43 -9.75
CA CYS B 11 2.46 4.97 -8.51
C CYS B 11 1.16 4.27 -8.14
N CYS B 12 0.86 4.23 -6.85
CA CYS B 12 -0.32 3.56 -6.36
C CYS B 12 -1.58 4.37 -6.62
N PHE B 13 -2.60 3.72 -7.19
CA PHE B 13 -3.87 4.38 -7.47
C PHE B 13 -4.99 3.74 -6.66
N ALA B 14 -4.65 2.74 -5.85
CA ALA B 14 -5.64 2.05 -5.04
C ALA B 14 -5.08 1.75 -3.65
N TYR B 15 -5.97 1.47 -2.72
CA TYR B 15 -5.60 1.17 -1.35
C TYR B 15 -5.67 -0.33 -1.08
N ILE B 16 -4.99 -0.75 -0.03
CA ILE B 16 -4.96 -2.16 0.35
C ILE B 16 -6.29 -2.56 0.98
N ALA B 17 -6.64 -3.82 0.79
CA ALA B 17 -7.87 -4.40 1.35
C ALA B 17 -8.04 -4.04 2.81
N ARG B 18 -7.06 -4.41 3.62
CA ARG B 18 -7.11 -4.18 5.05
C ARG B 18 -5.84 -3.44 5.49
N PRO B 19 -5.90 -2.69 6.60
CA PRO B 19 -4.72 -1.96 7.11
C PRO B 19 -3.62 -2.92 7.54
N LEU B 20 -2.52 -2.89 6.81
CA LEU B 20 -1.36 -3.75 7.08
C LEU B 20 -0.77 -3.46 8.46
N PRO B 21 -0.12 -4.47 9.09
CA PRO B 21 0.49 -4.30 10.40
C PRO B 21 1.77 -3.46 10.33
N ARG B 22 1.74 -2.32 11.01
CA ARG B 22 2.88 -1.40 11.03
C ARG B 22 4.08 -2.02 11.75
N ALA B 23 3.83 -3.07 12.53
CA ALA B 23 4.90 -3.73 13.28
C ALA B 23 5.78 -4.58 12.38
N HIS B 24 5.26 -5.04 11.24
CA HIS B 24 6.03 -5.85 10.31
C HIS B 24 6.64 -4.98 9.22
N ILE B 25 6.45 -3.68 9.37
CA ILE B 25 6.97 -2.73 8.41
C ILE B 25 8.36 -2.27 8.83
N LYS B 26 9.29 -2.30 7.90
CA LYS B 26 10.66 -1.90 8.18
C LYS B 26 10.89 -0.42 7.85
N GLU B 27 10.50 -0.02 6.65
CA GLU B 27 10.68 1.36 6.23
C GLU B 27 9.64 1.75 5.19
N TYR B 28 9.63 3.01 4.81
CA TYR B 28 8.68 3.53 3.83
C TYR B 28 9.37 4.37 2.77
N PHE B 29 8.65 4.66 1.70
CA PHE B 29 9.16 5.49 0.62
C PHE B 29 8.01 6.01 -0.23
N TYR B 30 8.19 7.20 -0.79
CA TYR B 30 7.16 7.83 -1.63
C TYR B 30 7.18 7.25 -3.04
N THR B 31 6.04 7.27 -3.69
CA THR B 31 5.90 6.75 -5.05
C THR B 31 6.46 7.70 -6.09
N SER B 32 5.58 8.56 -6.59
CA SER B 32 5.92 9.50 -7.64
C SER B 32 5.18 10.81 -7.44
N GLY B 33 5.89 11.92 -7.58
CA GLY B 33 5.28 13.22 -7.41
C GLY B 33 4.40 13.60 -8.59
N LYS B 34 4.72 13.06 -9.76
CA LYS B 34 3.97 13.35 -10.98
C LYS B 34 2.62 12.63 -10.99
N CYS B 35 2.43 11.73 -10.03
CA CYS B 35 1.19 10.98 -9.93
C CYS B 35 0.05 11.89 -9.51
N SER B 36 -1.18 11.50 -9.82
CA SER B 36 -2.36 12.28 -9.47
C SER B 36 -2.41 12.52 -7.96
N ASN B 37 -2.25 11.45 -7.20
CA ASN B 37 -2.27 11.55 -5.74
C ASN B 37 -1.00 10.96 -5.15
N PRO B 38 -0.45 11.60 -4.12
CA PRO B 38 0.77 11.12 -3.46
C PRO B 38 0.51 9.84 -2.67
N ALA B 39 1.50 8.97 -2.60
CA ALA B 39 1.37 7.72 -1.88
C ALA B 39 2.71 7.26 -1.35
N VAL B 40 2.66 6.52 -0.25
CA VAL B 40 3.86 6.00 0.36
C VAL B 40 3.75 4.48 0.49
N VAL B 41 4.79 3.78 0.05
CA VAL B 41 4.80 2.33 0.10
C VAL B 41 5.44 1.82 1.38
N PHE B 42 4.79 0.86 2.01
CA PHE B 42 5.29 0.26 3.23
C PHE B 42 6.02 -1.04 2.90
N VAL B 43 7.21 -1.21 3.46
CA VAL B 43 8.03 -2.39 3.21
C VAL B 43 7.82 -3.43 4.31
N THR B 44 7.23 -4.56 3.94
CA THR B 44 6.97 -5.65 4.89
C THR B 44 8.24 -6.50 5.07
N ARG B 45 8.09 -7.68 5.68
CA ARG B 45 9.23 -8.55 5.94
C ARG B 45 9.72 -9.22 4.67
N LYS B 46 8.87 -9.31 3.67
CA LYS B 46 9.24 -9.93 2.40
C LYS B 46 9.29 -8.90 1.28
N ASN B 47 9.30 -7.63 1.67
CA ASN B 47 9.36 -6.51 0.73
C ASN B 47 8.14 -6.46 -0.17
N ARG B 48 6.96 -6.65 0.42
CA ARG B 48 5.71 -6.59 -0.32
C ARG B 48 5.35 -5.16 -0.67
N GLN B 49 4.66 -4.99 -1.79
CA GLN B 49 4.24 -3.66 -2.24
C GLN B 49 2.93 -3.25 -1.58
N VAL B 50 3.06 -2.37 -0.59
CA VAL B 50 1.92 -1.85 0.14
C VAL B 50 1.66 -0.39 -0.22
N CYS B 51 0.41 -0.02 -0.44
CA CYS B 51 0.08 1.34 -0.82
C CYS B 51 -0.86 2.00 0.18
N ALA B 52 -0.45 3.15 0.70
CA ALA B 52 -1.25 3.89 1.65
C ALA B 52 -1.10 5.39 1.37
N ASN B 53 -2.08 6.17 1.79
CA ASN B 53 -2.07 7.62 1.57
C ASN B 53 -1.48 8.35 2.78
N PRO B 54 -0.33 9.02 2.59
CA PRO B 54 0.37 9.74 3.67
C PRO B 54 -0.40 10.98 4.14
N GLU B 55 -1.48 11.30 3.46
CA GLU B 55 -2.30 12.45 3.81
C GLU B 55 -3.27 12.08 4.93
N LYS B 56 -3.38 10.78 5.22
CA LYS B 56 -4.26 10.30 6.27
C LYS B 56 -3.56 10.39 7.61
N LYS B 57 -4.31 10.73 8.64
CA LYS B 57 -3.75 10.84 10.00
C LYS B 57 -3.32 9.48 10.54
N TRP B 58 -4.11 8.45 10.27
CA TRP B 58 -3.78 7.11 10.74
C TRP B 58 -2.57 6.56 9.99
N VAL B 59 -2.40 6.96 8.73
CA VAL B 59 -1.28 6.50 7.93
C VAL B 59 -0.01 7.23 8.36
N ARG B 60 -0.13 8.50 8.73
CA ARG B 60 1.01 9.28 9.17
C ARG B 60 1.66 8.62 10.38
N GLU B 61 0.82 8.03 11.25
CA GLU B 61 1.31 7.33 12.43
C GLU B 61 2.08 6.09 12.03
N TYR B 62 1.58 5.42 11.00
CA TYR B 62 2.19 4.21 10.47
C TYR B 62 3.58 4.52 9.91
N ILE B 63 3.75 5.76 9.47
CA ILE B 63 5.02 6.22 8.94
C ILE B 63 5.93 6.70 10.08
N ASN B 64 5.34 7.36 11.06
CA ASN B 64 6.09 7.87 12.20
C ASN B 64 6.63 6.74 13.06
N SER B 65 5.97 5.59 13.02
CA SER B 65 6.42 4.43 13.77
C SER B 65 7.76 3.94 13.20
N LEU B 66 7.97 4.25 11.93
CA LEU B 66 9.19 3.89 11.23
C LEU B 66 10.29 4.91 11.51
N SER B 67 9.89 6.18 11.62
CA SER B 67 10.84 7.24 11.88
C SER B 67 10.19 8.41 12.63
N MET B 68 9.93 8.15 13.91
CA MET B 68 9.34 9.05 14.93
C MET B 68 8.21 9.97 14.44
N SER B 69 7.58 10.67 15.39
CA SER B 69 6.49 11.58 15.07
C SER B 69 7.01 12.99 14.80
N MET A 1 -17.66 -12.25 11.89
CA MET A 1 -16.90 -12.82 10.79
C MET A 1 -16.52 -14.27 11.07
N ASP A 2 -15.90 -14.91 10.10
CA ASP A 2 -15.45 -16.29 10.23
C ASP A 2 -14.05 -16.31 10.84
N TYR A 3 -13.42 -15.13 10.86
CA TYR A 3 -12.09 -14.94 11.41
C TYR A 3 -11.05 -15.81 10.69
N GLN A 4 -10.49 -15.26 9.63
CA GLN A 4 -9.49 -15.95 8.85
C GLN A 4 -8.10 -15.67 9.42
N VAL A 5 -7.30 -16.72 9.60
CA VAL A 5 -5.97 -16.57 10.16
C VAL A 5 -4.89 -16.92 9.14
N SER A 6 -4.14 -15.90 8.69
CA SER A 6 -3.06 -16.07 7.73
C SER A 6 -3.53 -16.72 6.43
N SER A 7 -4.82 -16.63 6.15
CA SER A 7 -5.39 -17.20 4.93
C SER A 7 -4.85 -16.50 3.68
N PRO A 8 -4.91 -15.15 3.60
CA PRO A 8 -4.42 -14.42 2.43
C PRO A 8 -2.92 -14.61 2.19
N ILE A 9 -2.52 -14.65 0.94
CA ILE A 9 -1.13 -14.83 0.57
C ILE A 9 -0.52 -13.49 0.17
N ASP A 11 -0.47 -11.80 -2.32
CA ASP A 11 -0.37 -11.68 -3.78
C ASP A 11 -1.73 -11.49 -4.45
N ILE A 12 -2.80 -11.89 -3.76
CA ILE A 12 -4.13 -11.76 -4.32
C ILE A 12 -4.93 -10.65 -3.61
N ASN A 13 -6.13 -10.98 -3.09
CA ASN A 13 -7.05 -10.05 -2.40
C ASN A 13 -6.37 -8.79 -1.87
N TYR A 15 -3.76 -6.94 -2.27
CA TYR A 15 -3.37 -5.85 -3.17
C TYR A 15 -4.23 -5.80 -4.43
N THR A 16 -5.44 -6.32 -4.36
CA THR A 16 -6.33 -6.29 -5.52
C THR A 16 -7.80 -6.46 -5.08
N SER A 17 -8.11 -5.88 -3.94
CA SER A 17 -9.46 -5.93 -3.39
C SER A 17 -10.33 -4.83 -3.95
N GLU A 18 -10.11 -4.49 -5.22
CA GLU A 18 -10.87 -3.44 -5.88
C GLU A 18 -11.34 -3.89 -7.29
N PRO A 19 -11.96 -5.09 -7.41
CA PRO A 19 -12.41 -5.60 -8.69
C PRO A 19 -13.57 -4.78 -9.23
N ALA A 20 -13.29 -3.98 -10.26
CA ALA A 20 -14.30 -3.12 -10.88
C ALA A 20 -14.83 -2.11 -9.86
N GLN A 21 -13.98 -1.76 -8.89
CA GLN A 21 -14.35 -0.83 -7.85
C GLN A 21 -14.78 0.51 -8.45
N LYS A 22 -15.92 1.00 -8.00
CA LYS A 22 -16.47 2.24 -8.49
C LYS A 22 -15.81 3.45 -7.82
N ILE A 23 -16.01 4.61 -8.40
CA ILE A 23 -15.45 5.84 -7.88
C ILE A 23 -16.58 6.84 -7.67
N ASN A 24 -16.26 8.13 -7.77
CA ASN A 24 -17.24 9.20 -7.61
C ASN A 24 -17.83 9.20 -6.20
N VAL A 25 -17.02 8.75 -5.24
CA VAL A 25 -17.43 8.68 -3.82
C VAL A 25 -18.48 7.58 -3.62
N LYS A 26 -18.51 7.01 -2.42
CA LYS A 26 -19.48 5.96 -2.10
C LYS A 26 -20.91 6.50 -2.07
N GLN A 27 -21.04 7.79 -1.78
CA GLN A 27 -22.35 8.43 -1.72
C GLN A 27 -22.86 8.77 -3.11
N SER B 2 12.85 -8.19 -22.79
CA SER B 2 11.80 -7.48 -22.07
C SER B 2 12.36 -6.28 -21.31
N PRO B 3 11.63 -5.17 -21.26
CA PRO B 3 12.07 -3.96 -20.55
C PRO B 3 11.92 -4.10 -19.04
N TYR B 4 10.99 -4.97 -18.62
CA TYR B 4 10.70 -5.25 -17.21
C TYR B 4 10.04 -4.07 -16.50
N SER B 5 9.15 -4.39 -15.57
CA SER B 5 8.42 -3.37 -14.82
C SER B 5 9.32 -2.78 -13.73
N SER B 6 10.45 -3.42 -13.51
CA SER B 6 11.42 -2.96 -12.53
C SER B 6 12.01 -1.62 -12.95
N ASP B 7 12.29 -1.52 -14.23
CA ASP B 7 12.86 -0.31 -14.83
C ASP B 7 11.90 0.87 -14.67
N THR B 8 10.61 0.61 -14.77
CA THR B 8 9.61 1.65 -14.63
C THR B 8 9.22 1.86 -13.16
N THR B 9 8.55 2.96 -12.89
CA THR B 9 8.13 3.28 -11.53
C THR B 9 6.69 3.78 -11.53
N SER B 10 5.78 2.92 -11.13
CA SER B 10 4.37 3.28 -11.09
C SER B 10 3.99 3.86 -9.73
N CYS B 11 2.86 4.56 -9.69
CA CYS B 11 2.36 5.16 -8.47
C CYS B 11 1.09 4.45 -8.03
N CYS B 12 0.79 4.51 -6.74
CA CYS B 12 -0.39 3.85 -6.20
C CYS B 12 -1.66 4.67 -6.48
N PHE B 13 -2.68 3.99 -6.98
CA PHE B 13 -3.96 4.63 -7.28
C PHE B 13 -5.08 3.94 -6.51
N ALA B 14 -4.71 3.09 -5.57
CA ALA B 14 -5.68 2.37 -4.78
C ALA B 14 -5.13 2.07 -3.39
N TYR B 15 -6.00 1.57 -2.51
CA TYR B 15 -5.61 1.25 -1.15
C TYR B 15 -5.63 -0.25 -0.95
N ILE B 16 -4.96 -0.73 0.09
CA ILE B 16 -4.92 -2.14 0.40
C ILE B 16 -6.23 -2.58 1.04
N ALA B 17 -6.58 -3.85 0.81
CA ALA B 17 -7.78 -4.46 1.35
C ALA B 17 -8.03 -4.07 2.80
N ARG B 18 -7.04 -4.32 3.64
CA ARG B 18 -7.14 -4.04 5.07
C ARG B 18 -5.86 -3.32 5.53
N PRO B 19 -5.93 -2.61 6.67
CA PRO B 19 -4.77 -1.91 7.22
C PRO B 19 -3.65 -2.88 7.61
N LEU B 20 -2.53 -2.79 6.90
CA LEU B 20 -1.38 -3.66 7.14
C LEU B 20 -0.73 -3.36 8.50
N PRO B 21 -0.10 -4.37 9.12
CA PRO B 21 0.57 -4.20 10.42
C PRO B 21 1.82 -3.34 10.31
N ARG B 22 1.81 -2.21 10.99
CA ARG B 22 2.94 -1.28 10.98
C ARG B 22 4.16 -1.87 11.67
N ALA B 23 3.95 -2.86 12.53
CA ALA B 23 5.03 -3.49 13.26
C ALA B 23 5.89 -4.40 12.37
N HIS B 24 5.32 -4.86 11.26
CA HIS B 24 6.07 -5.73 10.34
C HIS B 24 6.62 -4.92 9.19
N ILE B 25 6.64 -3.61 9.35
CA ILE B 25 7.14 -2.72 8.34
C ILE B 25 8.57 -2.31 8.69
N LYS B 26 9.44 -2.34 7.70
CA LYS B 26 10.84 -1.99 7.91
C LYS B 26 11.10 -0.52 7.63
N GLU B 27 10.68 -0.06 6.46
CA GLU B 27 10.87 1.32 6.06
C GLU B 27 9.78 1.76 5.08
N TYR B 28 9.79 3.04 4.72
CA TYR B 28 8.81 3.58 3.79
C TYR B 28 9.47 4.42 2.71
N PHE B 29 8.74 4.65 1.63
CA PHE B 29 9.24 5.47 0.53
C PHE B 29 8.08 5.97 -0.32
N TYR B 30 8.24 7.18 -0.86
CA TYR B 30 7.21 7.78 -1.71
C TYR B 30 7.27 7.16 -3.10
N THR B 31 6.17 7.27 -3.83
CA THR B 31 6.11 6.72 -5.18
C THR B 31 6.67 7.70 -6.20
N SER B 32 5.79 8.47 -6.79
CA SER B 32 6.15 9.43 -7.79
C SER B 32 5.42 10.75 -7.57
N GLY B 33 6.17 11.84 -7.56
CA GLY B 33 5.57 13.14 -7.36
C GLY B 33 4.79 13.60 -8.58
N LYS B 34 4.99 12.89 -9.68
CA LYS B 34 4.31 13.19 -10.93
C LYS B 34 2.93 12.54 -10.98
N CYS B 35 2.59 11.80 -9.94
CA CYS B 35 1.29 11.12 -9.89
C CYS B 35 0.22 12.11 -9.44
N SER B 36 -1.03 11.82 -9.80
CA SER B 36 -2.16 12.67 -9.44
C SER B 36 -2.27 12.83 -7.92
N ASN B 37 -2.13 11.73 -7.21
CA ASN B 37 -2.19 11.75 -5.74
C ASN B 37 -0.93 11.15 -5.16
N PRO B 38 -0.41 11.75 -4.07
CA PRO B 38 0.80 11.26 -3.42
C PRO B 38 0.55 9.95 -2.66
N ALA B 39 1.57 9.10 -2.59
CA ALA B 39 1.43 7.82 -1.90
C ALA B 39 2.76 7.34 -1.37
N VAL B 40 2.71 6.61 -0.27
CA VAL B 40 3.90 6.07 0.34
C VAL B 40 3.76 4.55 0.48
N VAL B 41 4.78 3.83 0.04
CA VAL B 41 4.76 2.38 0.09
C VAL B 41 5.41 1.86 1.37
N PHE B 42 4.77 0.89 1.98
CA PHE B 42 5.28 0.29 3.20
C PHE B 42 5.99 -1.03 2.88
N VAL B 43 7.22 -1.15 3.34
CA VAL B 43 8.00 -2.34 3.08
C VAL B 43 7.81 -3.36 4.20
N THR B 44 7.22 -4.50 3.87
CA THR B 44 6.97 -5.55 4.85
C THR B 44 8.21 -6.42 5.02
N ARG B 45 8.06 -7.57 5.68
CA ARG B 45 9.18 -8.48 5.93
C ARG B 45 9.63 -9.16 4.64
N LYS B 46 8.70 -9.39 3.73
CA LYS B 46 9.02 -10.04 2.46
C LYS B 46 9.07 -9.02 1.32
N ASN B 47 9.12 -7.75 1.70
CA ASN B 47 9.23 -6.64 0.73
C ASN B 47 7.98 -6.55 -0.15
N ARG B 48 6.83 -6.72 0.46
CA ARG B 48 5.57 -6.64 -0.25
C ARG B 48 5.26 -5.20 -0.65
N GLN B 49 4.47 -5.04 -1.71
CA GLN B 49 4.10 -3.71 -2.17
C GLN B 49 2.81 -3.25 -1.50
N VAL B 50 2.96 -2.37 -0.52
CA VAL B 50 1.84 -1.83 0.22
C VAL B 50 1.63 -0.37 -0.13
N CYS B 51 0.40 -0.01 -0.44
CA CYS B 51 0.08 1.35 -0.82
C CYS B 51 -0.88 2.00 0.17
N ALA B 52 -0.45 3.13 0.74
CA ALA B 52 -1.27 3.87 1.69
C ALA B 52 -1.15 5.37 1.42
N ASN B 53 -2.19 6.11 1.80
CA ASN B 53 -2.21 7.56 1.60
C ASN B 53 -1.62 8.28 2.81
N PRO B 54 -0.46 8.94 2.63
CA PRO B 54 0.23 9.65 3.71
C PRO B 54 -0.54 10.87 4.21
N GLU B 55 -1.59 11.23 3.49
CA GLU B 55 -2.41 12.37 3.85
C GLU B 55 -3.35 12.02 5.00
N LYS B 56 -3.52 10.73 5.25
CA LYS B 56 -4.39 10.26 6.31
C LYS B 56 -3.67 10.32 7.65
N LYS B 57 -4.40 10.61 8.70
CA LYS B 57 -3.81 10.71 10.04
C LYS B 57 -3.32 9.35 10.54
N TRP B 58 -4.13 8.33 10.37
CA TRP B 58 -3.78 6.98 10.81
C TRP B 58 -2.58 6.45 10.02
N VAL B 59 -2.47 6.86 8.76
CA VAL B 59 -1.38 6.41 7.91
C VAL B 59 -0.07 7.10 8.31
N ARG B 60 -0.17 8.37 8.69
CA ARG B 60 1.01 9.12 9.08
C ARG B 60 1.63 8.50 10.33
N GLU B 61 0.79 7.94 11.19
CA GLU B 61 1.26 7.29 12.41
C GLU B 61 2.04 6.05 12.04
N TYR B 62 1.61 5.40 10.96
CA TYR B 62 2.26 4.21 10.44
C TYR B 62 3.65 4.55 9.94
N ILE B 63 3.80 5.74 9.39
CA ILE B 63 5.08 6.20 8.89
C ILE B 63 5.98 6.65 10.03
N ASN B 64 5.36 7.28 11.03
CA ASN B 64 6.10 7.77 12.19
C ASN B 64 6.67 6.62 13.01
N SER B 65 6.02 5.47 12.98
CA SER B 65 6.52 4.30 13.70
C SER B 65 7.87 3.87 13.12
N LEU B 66 8.07 4.21 11.85
CA LEU B 66 9.31 3.91 11.15
C LEU B 66 10.36 4.97 11.46
N SER B 67 9.92 6.22 11.53
CA SER B 67 10.83 7.32 11.83
C SER B 67 10.13 8.46 12.56
N MET B 68 9.90 8.23 13.86
CA MET B 68 9.30 9.13 14.86
C MET B 68 8.12 9.99 14.37
N SER B 69 7.47 10.65 15.33
CA SER B 69 6.33 11.51 15.04
C SER B 69 6.76 12.80 14.34
#